data_7B0B
#
_entry.id   7B0B
#
_cell.length_a   84.413
_cell.length_b   109.109
_cell.length_c   168.170
_cell.angle_alpha   90.000
_cell.angle_beta   90.000
_cell.angle_gamma   90.000
#
_symmetry.space_group_name_H-M   'P 21 21 21'
#
loop_
_entity.id
_entity.type
_entity.pdbx_description
1 polymer 'IGK@ protein'
2 polymer 'Fab heavy chain'
3 polymer 'Surface glycoprotein'
4 branched 2-acetamido-2-deoxy-beta-D-glucopyranose-(1-4)-2-acetamido-2-deoxy-beta-D-glucopyranose
#
loop_
_entity_poly.entity_id
_entity_poly.type
_entity_poly.pdbx_seq_one_letter_code
_entity_poly.pdbx_strand_id
1 'polypeptide(L)'
;EIVLTQSPGTLSLSPGERATLSCRASQSVSSSYLAWYQQKPGQAPRLLIYGASSRATGIPDRFSGSGSGTDFTLTISRVE
PEDFAVYYCQQYGSSPWTFGQGTKVEIKRTVAAPSVFIFPPSDEQLKSGTASVVCLLNNFYPREAKVQWKVDNALQSGNS
QESVTEQDSKDSTYSLSSTLTLSKADYEKHKVYACEVTHQGLSSPVTKSFNRGEC
;
L
2 'polypeptide(L)'
;QMQLVQSGPEVKKPGTSVKVSCKASGFTFTSSAVQWVRQARGQRLEWIGWIVVGSGNTNYAQKFQERVTITRDMSTSTAY
MELSSLRSEDTAVYYCAAPHCSSTICYDGFDIWGQGTMVTVSSASTKGPSVFPLAPSSKSTSGGTAALGCLVKDYFPEPV
TVSWNSGALTSGVHTFPAVLQSSGLYSLSSVVTVPSSSLGTQTYICNVNHKPSNTKVDKRVEPKSCDKTH
;
H
3 'polypeptide(L)'
;RVQPTESIVRFPNITNLCPFGEVFNATRFASVYAWNRKRISNCVADYSVLYNSASFSTFKCYGVSPTKLNDLCFTNVYAD
SFVIRGDEVRQIAPGQTGKIADYNYKLPDDFTGCVIAWNSNNLDSKVGGNYNYLYRLFRKSNLKPFERDISTEIYQAGST
PCNGVEGFNCYFPLQSYGFQPTNGVGYQPYRVVVLSFELLHAPATVCGPKKSTNLVKNKCVNFHHHHHH
;
F
#
loop_
_chem_comp.id
_chem_comp.type
_chem_comp.name
_chem_comp.formula
NAG D-saccharide, beta linking 2-acetamido-2-deoxy-beta-D-glucopyranose 'C8 H15 N O6'
#
# COMPACT_ATOMS: atom_id res chain seq x y z
N GLU A 1 -11.76 -6.41 15.70
CA GLU A 1 -10.44 -5.93 15.29
C GLU A 1 -9.35 -6.35 16.27
N ILE A 2 -8.29 -6.95 15.74
CA ILE A 2 -7.17 -7.39 16.55
C ILE A 2 -6.32 -6.18 16.92
N VAL A 3 -6.07 -5.98 18.22
CA VAL A 3 -5.23 -4.86 18.67
C VAL A 3 -3.84 -5.41 18.92
N LEU A 4 -2.83 -4.61 18.55
CA LEU A 4 -1.44 -5.02 18.72
C LEU A 4 -0.74 -3.97 19.57
N THR A 5 -0.33 -4.36 20.77
CA THR A 5 0.36 -3.47 21.71
C THR A 5 1.85 -3.78 21.72
N GLN A 6 2.66 -2.77 21.51
CA GLN A 6 4.11 -2.97 21.40
C GLN A 6 4.79 -2.44 22.65
N SER A 7 5.88 -3.11 23.05
CA SER A 7 6.57 -2.74 24.27
C SER A 7 8.09 -2.89 24.10
N PRO A 8 8.88 -1.97 24.67
CA PRO A 8 8.41 -0.77 25.36
C PRO A 8 8.04 0.30 24.36
N GLY A 9 7.47 1.43 24.80
CA GLY A 9 7.15 2.50 23.87
C GLY A 9 8.37 2.97 23.09
N THR A 10 9.50 3.11 23.78
CA THR A 10 10.76 3.38 23.11
C THR A 10 11.88 2.97 24.05
N LEU A 11 12.81 2.14 23.56
CA LEU A 11 14.00 1.80 24.32
C LEU A 11 15.22 2.47 23.70
N SER A 12 16.17 2.83 24.56
CA SER A 12 17.38 3.54 24.20
C SER A 12 18.60 2.69 24.56
N LEU A 13 19.47 2.44 23.58
CA LEU A 13 20.57 1.51 23.74
C LEU A 13 21.86 2.10 23.17
N SER A 14 22.96 1.88 23.88
CA SER A 14 24.27 2.15 23.31
C SER A 14 24.58 1.12 22.23
N PRO A 15 25.27 1.53 21.16
CA PRO A 15 25.52 0.60 20.05
C PRO A 15 26.24 -0.65 20.52
N GLY A 16 25.88 -1.78 19.92
CA GLY A 16 26.40 -3.08 20.30
C GLY A 16 25.64 -3.78 21.41
N GLU A 17 24.66 -3.12 22.02
CA GLU A 17 23.88 -3.70 23.10
C GLU A 17 22.82 -4.65 22.53
N ARG A 18 21.99 -5.19 23.42
CA ARG A 18 20.93 -6.11 23.05
C ARG A 18 19.58 -5.40 23.01
N ALA A 19 18.82 -5.67 21.96
CA ALA A 19 17.51 -5.07 21.78
C ALA A 19 16.45 -6.16 21.79
N THR A 20 15.37 -5.94 22.54
CA THR A 20 14.27 -6.91 22.61
C THR A 20 12.93 -6.16 22.57
N LEU A 21 12.28 -6.18 21.41
CA LEU A 21 10.99 -5.55 21.23
C LEU A 21 9.89 -6.61 21.25
N SER A 22 8.74 -6.27 21.84
CA SER A 22 7.67 -7.24 22.01
C SER A 22 6.38 -6.73 21.39
N CYS A 23 5.60 -7.66 20.86
CA CYS A 23 4.32 -7.42 20.24
C CYS A 23 3.32 -8.38 20.88
N ARG A 24 2.23 -7.84 21.44
CA ARG A 24 1.25 -8.66 22.13
C ARG A 24 -0.15 -8.40 21.57
N ALA A 25 -0.95 -9.46 21.43
CA ALA A 25 -2.24 -9.38 20.76
C ALA A 25 -3.40 -9.62 21.72
N SER A 26 -4.53 -8.99 21.41
CA SER A 26 -5.72 -9.07 22.25
C SER A 26 -6.31 -10.48 22.28
N GLN A 27 -5.99 -11.30 21.29
CA GLN A 27 -6.36 -12.71 21.28
C GLN A 27 -5.37 -13.44 20.41
N SER A 28 -5.38 -14.77 20.50
CA SER A 28 -4.36 -15.56 19.84
C SER A 28 -4.37 -15.32 18.33
N VAL A 29 -3.17 -15.30 17.75
CA VAL A 29 -2.99 -15.06 16.31
C VAL A 29 -2.13 -16.18 15.74
N SER A 30 -2.40 -16.54 14.50
CA SER A 30 -1.56 -17.53 13.83
C SER A 30 -0.13 -17.01 13.77
N SER A 31 0.80 -17.86 14.17
CA SER A 31 2.20 -17.49 14.04
C SER A 31 2.64 -17.49 12.58
N SER A 32 1.92 -18.19 11.71
CA SER A 32 2.29 -18.24 10.31
C SER A 32 2.15 -16.88 9.63
N TYR A 33 1.28 -15.99 10.14
CA TYR A 33 1.07 -14.67 9.56
C TYR A 33 1.28 -13.62 10.66
N LEU A 34 2.55 -13.32 10.93
CA LEU A 34 2.96 -12.22 11.80
C LEU A 34 4.33 -11.75 11.35
N ALA A 35 4.50 -10.44 11.20
CA ALA A 35 5.68 -9.91 10.56
C ALA A 35 6.18 -8.70 11.33
N TRP A 36 7.48 -8.45 11.20
CA TRP A 36 8.14 -7.26 11.75
C TRP A 36 8.81 -6.48 10.61
N TYR A 37 8.70 -5.15 10.68
CA TYR A 37 9.22 -4.23 9.69
C TYR A 37 10.03 -3.15 10.38
N GLN A 38 11.12 -2.74 9.73
CA GLN A 38 11.97 -1.66 10.20
C GLN A 38 11.76 -0.47 9.26
N GLN A 39 11.34 0.67 9.81
CA GLN A 39 11.14 1.88 9.03
C GLN A 39 12.01 3.01 9.56
N LYS A 40 12.77 3.64 8.65
CA LYS A 40 13.52 4.83 9.01
C LYS A 40 12.76 6.07 8.53
N PRO A 41 12.96 7.22 9.20
CA PRO A 41 12.17 8.41 8.83
C PRO A 41 12.33 8.75 7.36
N GLY A 42 11.21 9.04 6.72
CA GLY A 42 11.15 9.36 5.31
C GLY A 42 11.02 8.15 4.40
N GLN A 43 11.67 7.05 4.77
CA GLN A 43 11.72 5.86 3.92
C GLN A 43 10.50 4.96 4.13
N ALA A 44 10.33 4.03 3.20
CA ALA A 44 9.31 3.00 3.29
C ALA A 44 9.79 1.84 4.15
N PRO A 45 8.87 1.05 4.69
CA PRO A 45 9.28 -0.09 5.54
C PRO A 45 10.12 -1.12 4.79
N ARG A 46 11.02 -1.78 5.52
CA ARG A 46 11.77 -2.95 5.07
C ARG A 46 11.22 -4.15 5.81
N LEU A 47 10.95 -5.24 5.10
CA LEU A 47 10.48 -6.45 5.77
C LEU A 47 11.63 -7.06 6.55
N LEU A 48 11.46 -7.20 7.86
CA LEU A 48 12.47 -7.85 8.71
C LEU A 48 12.17 -9.33 8.91
N ILE A 49 10.96 -9.66 9.35
CA ILE A 49 10.63 -11.03 9.72
C ILE A 49 9.21 -11.38 9.28
N TYR A 50 9.04 -12.58 8.72
CA TYR A 50 7.75 -13.10 8.31
C TYR A 50 7.50 -14.43 9.00
N GLY A 51 6.22 -14.79 9.15
CA GLY A 51 5.88 -16.02 9.83
C GLY A 51 6.36 -16.11 11.26
N ALA A 52 6.69 -14.97 11.86
CA ALA A 52 7.07 -14.82 13.27
C ALA A 52 8.46 -15.33 13.56
N SER A 53 9.04 -16.09 12.65
CA SER A 53 10.35 -16.68 12.91
C SER A 53 11.32 -16.45 11.78
N SER A 54 10.87 -16.52 10.53
CA SER A 54 11.77 -16.60 9.40
C SER A 54 12.26 -15.20 9.02
N ARG A 55 13.54 -15.11 8.70
CA ARG A 55 14.19 -13.85 8.36
C ARG A 55 14.03 -13.54 6.88
N ALA A 56 13.75 -12.28 6.57
CA ALA A 56 13.57 -11.86 5.18
C ALA A 56 14.89 -11.90 4.43
N THR A 57 14.83 -12.32 3.17
CA THR A 57 16.05 -12.53 2.40
C THR A 57 16.86 -11.23 2.33
N GLY A 58 18.16 -11.33 2.63
CA GLY A 58 19.04 -10.17 2.61
C GLY A 58 19.09 -9.39 3.91
N ILE A 59 18.24 -9.70 4.88
CA ILE A 59 18.30 -9.05 6.19
C ILE A 59 19.41 -9.73 6.99
N PRO A 60 20.21 -8.97 7.74
CA PRO A 60 21.37 -9.57 8.40
C PRO A 60 21.00 -10.55 9.51
N ASP A 61 21.99 -11.39 9.89
CA ASP A 61 21.81 -12.40 10.92
C ASP A 61 21.58 -11.79 12.31
N ARG A 62 21.99 -10.54 12.51
CA ARG A 62 21.63 -9.75 13.69
C ARG A 62 20.19 -9.99 14.17
N PHE A 63 19.23 -9.85 13.26
CA PHE A 63 17.82 -9.90 13.62
C PHE A 63 17.32 -11.33 13.78
N SER A 64 16.45 -11.54 14.77
CA SER A 64 15.78 -12.81 14.98
C SER A 64 14.39 -12.54 15.54
N GLY A 65 13.52 -13.55 15.46
CA GLY A 65 12.15 -13.38 15.93
C GLY A 65 11.54 -14.70 16.37
N SER A 66 10.68 -14.61 17.38
CA SER A 66 10.02 -15.80 17.91
C SER A 66 8.67 -15.42 18.50
N GLY A 67 7.95 -16.43 18.97
CA GLY A 67 6.71 -16.22 19.68
C GLY A 67 5.55 -16.96 19.05
N SER A 68 4.44 -16.94 19.78
CA SER A 68 3.22 -17.60 19.35
C SER A 68 2.10 -17.16 20.28
N GLY A 69 0.90 -17.68 20.03
CA GLY A 69 -0.25 -17.34 20.84
C GLY A 69 -0.56 -15.87 20.81
N THR A 70 -0.28 -15.19 21.91
CA THR A 70 -0.47 -13.74 21.98
C THR A 70 0.84 -12.97 22.15
N ASP A 71 1.99 -13.64 22.30
CA ASP A 71 3.26 -12.97 22.61
C ASP A 71 4.28 -13.23 21.51
N PHE A 72 4.83 -12.16 20.94
CA PHE A 72 5.84 -12.24 19.91
C PHE A 72 6.99 -11.31 20.28
N THR A 73 8.20 -11.69 19.90
CA THR A 73 9.35 -10.83 20.16
C THR A 73 10.24 -10.78 18.93
N LEU A 74 10.86 -9.62 18.74
CA LEU A 74 11.96 -9.41 17.82
C LEU A 74 13.19 -9.07 18.64
N THR A 75 14.32 -9.70 18.30
CA THR A 75 15.56 -9.52 19.05
C THR A 75 16.68 -9.12 18.11
N ILE A 76 17.38 -8.06 18.47
CA ILE A 76 18.60 -7.65 17.79
C ILE A 76 19.76 -7.96 18.75
N SER A 77 20.61 -8.91 18.36
CA SER A 77 21.67 -9.40 19.25
C SER A 77 22.69 -8.32 19.57
N ARG A 78 23.13 -7.57 18.55
CA ARG A 78 24.16 -6.55 18.69
C ARG A 78 23.80 -5.41 17.74
N VAL A 79 23.16 -4.35 18.28
CA VAL A 79 22.57 -3.33 17.43
C VAL A 79 23.63 -2.44 16.78
N GLU A 80 23.96 -2.77 15.53
CA GLU A 80 24.80 -1.94 14.68
C GLU A 80 24.07 -0.61 14.43
N PRO A 81 24.80 0.51 14.21
CA PRO A 81 24.11 1.82 14.14
C PRO A 81 23.07 1.92 13.04
N GLU A 82 23.15 1.10 12.00
CA GLU A 82 22.12 1.12 10.97
C GLU A 82 20.77 0.66 11.49
N ASP A 83 20.72 0.08 12.68
CA ASP A 83 19.52 -0.53 13.20
C ASP A 83 18.70 0.40 14.07
N PHE A 84 19.09 1.66 14.19
CA PHE A 84 18.33 2.60 15.02
C PHE A 84 17.24 3.23 14.16
N ALA A 85 16.00 2.83 14.41
CA ALA A 85 14.85 3.25 13.61
C ALA A 85 13.58 2.83 14.35
N VAL A 86 12.44 2.86 13.65
CA VAL A 86 11.16 2.40 14.20
C VAL A 86 10.92 0.96 13.77
N TYR A 87 10.26 0.20 14.64
CA TYR A 87 9.94 -1.19 14.35
C TYR A 87 8.46 -1.41 14.58
N TYR A 88 7.76 -1.90 13.54
CA TYR A 88 6.33 -2.12 13.57
C TYR A 88 6.04 -3.60 13.38
N CYS A 89 5.11 -4.12 14.17
CA CYS A 89 4.64 -5.50 14.02
C CYS A 89 3.27 -5.48 13.37
N GLN A 90 3.06 -6.40 12.42
CA GLN A 90 1.79 -6.51 11.71
C GLN A 90 1.33 -7.95 11.70
N GLN A 91 0.08 -8.17 12.11
CA GLN A 91 -0.55 -9.47 11.89
C GLN A 91 -1.32 -9.42 10.58
N TYR A 92 -1.35 -10.56 9.89
CA TYR A 92 -2.10 -10.65 8.64
C TYR A 92 -2.83 -11.98 8.51
N GLY A 93 -3.23 -12.57 9.64
CA GLY A 93 -3.97 -13.82 9.62
C GLY A 93 -5.46 -13.61 9.55
N SER A 94 -5.95 -12.60 10.29
CA SER A 94 -7.37 -12.31 10.37
C SER A 94 -7.62 -10.86 9.99
N SER A 95 -8.48 -10.63 9.01
CA SER A 95 -8.78 -9.26 8.60
C SER A 95 -9.61 -8.57 9.66
N PRO A 96 -9.37 -7.27 9.93
CA PRO A 96 -8.35 -6.43 9.28
C PRO A 96 -6.93 -6.71 9.76
N TRP A 97 -5.97 -6.63 8.84
CA TRP A 97 -4.57 -6.98 9.10
C TRP A 97 -3.89 -5.81 9.80
N THR A 98 -4.15 -5.72 11.10
CA THR A 98 -3.77 -4.53 11.86
C THR A 98 -2.27 -4.49 12.11
N PHE A 99 -1.84 -3.35 12.64
CA PHE A 99 -0.45 -3.06 12.98
C PHE A 99 -0.34 -2.69 14.45
N GLY A 100 0.87 -2.82 14.97
CA GLY A 100 1.16 -2.28 16.28
C GLY A 100 1.45 -0.80 16.21
N GLN A 101 1.57 -0.20 17.40
CA GLN A 101 1.88 1.21 17.53
C GLN A 101 3.32 1.53 17.14
N GLY A 102 4.18 0.52 17.10
CA GLY A 102 5.60 0.71 16.81
C GLY A 102 6.41 1.11 18.03
N THR A 103 7.63 0.55 18.16
CA THR A 103 8.57 0.97 19.19
C THR A 103 9.76 1.67 18.53
N LYS A 104 10.24 2.74 19.15
CA LYS A 104 11.32 3.54 18.61
C LYS A 104 12.62 3.10 19.28
N VAL A 105 13.61 2.79 18.46
CA VAL A 105 14.91 2.36 18.97
C VAL A 105 15.88 3.52 18.73
N GLU A 106 16.10 4.32 19.76
CA GLU A 106 17.02 5.43 19.70
C GLU A 106 18.34 5.06 20.37
N ILE A 107 19.35 5.89 20.15
CA ILE A 107 20.71 5.60 20.59
C ILE A 107 21.01 6.43 21.83
N LYS A 108 21.62 5.81 22.83
CA LYS A 108 21.71 6.35 24.17
C LYS A 108 23.10 6.89 24.44
N ARG A 109 23.17 8.11 24.98
CA ARG A 109 24.43 8.71 25.40
C ARG A 109 24.19 9.51 26.67
N THR A 110 25.26 10.11 27.19
CA THR A 110 25.21 10.84 28.45
C THR A 110 24.35 12.09 28.31
N VAL A 111 23.72 12.47 29.42
CA VAL A 111 22.85 13.64 29.43
C VAL A 111 23.61 14.86 28.92
N ALA A 112 22.96 15.63 28.05
CA ALA A 112 23.52 16.82 27.45
C ALA A 112 22.52 17.97 27.62
N ALA A 113 22.99 19.08 28.16
CA ALA A 113 22.12 20.22 28.35
C ALA A 113 21.79 20.88 27.00
N PRO A 114 20.59 21.46 26.87
CA PRO A 114 20.27 22.22 25.66
C PRO A 114 21.04 23.52 25.61
N SER A 115 21.20 24.02 24.39
CA SER A 115 21.87 25.30 24.12
C SER A 115 20.77 26.26 23.65
N VAL A 116 20.11 26.90 24.60
CA VAL A 116 18.84 27.59 24.30
C VAL A 116 19.12 29.04 23.92
N PHE A 117 18.68 29.43 22.73
CA PHE A 117 18.80 30.81 22.25
C PHE A 117 17.41 31.33 21.95
N ILE A 118 17.26 32.65 21.92
CA ILE A 118 15.95 33.26 21.65
C ILE A 118 16.10 34.30 20.54
N PHE A 119 15.22 34.21 19.55
CA PHE A 119 15.27 35.09 18.39
C PHE A 119 14.03 35.98 18.39
N PRO A 120 14.21 37.30 18.39
CA PRO A 120 13.06 38.20 18.35
C PRO A 120 12.53 38.34 16.93
N PRO A 121 11.36 38.96 16.75
CA PRO A 121 10.77 39.04 15.41
C PRO A 121 11.66 39.79 14.42
N SER A 122 11.65 39.30 13.19
CA SER A 122 12.38 39.95 12.11
C SER A 122 11.80 41.32 11.82
N ASP A 123 12.66 42.22 11.33
CA ASP A 123 12.21 43.58 11.07
C ASP A 123 11.07 43.61 10.07
N GLU A 124 11.19 42.82 8.99
CA GLU A 124 10.22 42.88 7.91
C GLU A 124 8.94 42.11 8.20
N GLN A 125 8.96 41.15 9.13
CA GLN A 125 7.72 40.50 9.52
C GLN A 125 6.76 41.48 10.18
N LEU A 126 7.28 42.40 10.99
CA LEU A 126 6.43 43.43 11.57
C LEU A 126 5.78 44.29 10.50
N LYS A 127 6.55 44.64 9.47
CA LYS A 127 5.98 45.31 8.30
C LYS A 127 4.87 44.46 7.70
N SER A 128 5.07 43.14 7.65
CA SER A 128 4.07 42.24 7.08
C SER A 128 2.78 42.25 7.89
N GLY A 129 2.88 42.34 9.21
CA GLY A 129 1.70 42.47 10.05
C GLY A 129 1.60 41.52 11.23
N THR A 130 2.44 40.49 11.24
CA THR A 130 2.49 39.53 12.34
C THR A 130 3.88 39.58 13.00
N ALA A 131 4.04 38.81 14.07
CA ALA A 131 5.27 38.81 14.84
C ALA A 131 5.51 37.41 15.37
N SER A 132 6.58 36.77 14.90
CA SER A 132 6.99 35.46 15.36
C SER A 132 8.29 35.58 16.14
N VAL A 133 8.31 35.03 17.35
CA VAL A 133 9.52 34.95 18.15
C VAL A 133 9.81 33.48 18.40
N VAL A 134 11.05 33.05 18.14
CA VAL A 134 11.33 31.62 18.24
C VAL A 134 12.34 31.36 19.34
N CYS A 135 12.20 30.18 19.95
CA CYS A 135 13.10 29.72 20.98
C CYS A 135 13.73 28.42 20.48
N LEU A 136 15.04 28.32 20.57
CA LEU A 136 15.79 27.22 19.99
C LEU A 136 16.52 26.48 21.09
N LEU A 137 16.08 25.25 21.37
CA LEU A 137 16.83 24.34 22.21
C LEU A 137 17.72 23.51 21.29
N ASN A 138 19.01 23.45 21.60
CA ASN A 138 19.97 22.91 20.66
C ASN A 138 20.78 21.78 21.28
N ASN A 139 20.85 20.65 20.58
CA ASN A 139 21.81 19.59 20.81
C ASN A 139 21.77 19.08 22.26
N PHE A 140 20.63 18.47 22.59
CA PHE A 140 20.39 17.93 23.93
C PHE A 140 19.99 16.48 23.86
N TYR A 141 19.98 15.83 25.04
CA TYR A 141 19.51 14.46 25.24
C TYR A 141 19.08 14.34 26.69
N PRO A 142 17.94 13.70 27.00
CA PRO A 142 16.97 13.08 26.09
C PRO A 142 16.01 14.04 25.39
N ARG A 143 15.03 13.46 24.69
CA ARG A 143 14.05 14.26 23.96
C ARG A 143 13.18 15.08 24.90
N GLU A 144 12.87 14.54 26.08
CA GLU A 144 11.99 15.23 27.01
C GLU A 144 12.56 16.60 27.36
N ALA A 145 11.72 17.62 27.23
CA ALA A 145 12.14 19.01 27.42
C ALA A 145 10.90 19.88 27.52
N LYS A 146 10.84 20.77 28.51
CA LYS A 146 9.66 21.59 28.73
C LYS A 146 9.98 23.04 28.42
N VAL A 147 9.27 23.62 27.47
CA VAL A 147 9.47 25.01 27.07
C VAL A 147 8.23 25.79 27.47
N GLN A 148 8.41 26.80 28.30
CA GLN A 148 7.33 27.63 28.79
C GLN A 148 7.57 29.07 28.34
N TRP A 149 6.58 29.67 27.70
CA TRP A 149 6.69 31.07 27.30
C TRP A 149 6.25 31.95 28.46
N LYS A 150 7.04 32.99 28.73
CA LYS A 150 6.65 34.01 29.70
C LYS A 150 6.70 35.36 29.00
N VAL A 151 5.54 35.93 28.67
CA VAL A 151 5.49 37.30 28.15
C VAL A 151 5.25 38.27 29.29
N ASP A 152 6.11 39.27 29.37
CA ASP A 152 6.14 40.24 30.46
C ASP A 152 6.51 39.62 31.82
N ASN A 153 7.02 38.37 31.85
CA ASN A 153 7.11 37.44 33.00
C ASN A 153 5.87 36.56 33.29
N ALA A 154 4.94 36.34 32.33
CA ALA A 154 3.70 35.59 32.61
C ALA A 154 3.55 34.39 31.69
N LEU A 155 3.03 33.29 32.25
CA LEU A 155 2.88 32.05 31.50
C LEU A 155 1.90 32.23 30.35
N GLN A 156 2.30 31.76 29.16
CA GLN A 156 1.54 31.96 27.94
C GLN A 156 1.24 30.63 27.26
N SER A 157 -0.02 30.42 26.89
CA SER A 157 -0.39 29.34 26.01
C SER A 157 -1.33 29.88 24.94
N GLY A 158 -1.44 29.13 23.84
CA GLY A 158 -2.43 29.39 22.81
C GLY A 158 -1.83 29.79 21.48
N ASN A 159 -0.61 30.34 21.50
CA ASN A 159 0.03 30.71 20.23
C ASN A 159 1.46 30.18 20.18
N SER A 160 1.77 29.13 20.90
CA SER A 160 3.04 28.45 20.79
C SER A 160 2.88 27.15 20.00
N GLN A 161 3.93 26.80 19.25
CA GLN A 161 3.96 25.54 18.53
C GLN A 161 5.41 25.09 18.41
N GLU A 162 5.70 23.84 18.77
CA GLU A 162 7.08 23.39 18.73
C GLU A 162 7.22 22.17 17.82
N SER A 163 8.45 21.93 17.37
CA SER A 163 8.78 20.79 16.54
C SER A 163 10.22 20.36 16.82
N VAL A 164 10.44 19.04 16.75
CA VAL A 164 11.70 18.41 17.16
C VAL A 164 12.29 17.67 15.96
N THR A 165 13.62 17.71 15.86
CA THR A 165 14.30 17.02 14.78
C THR A 165 14.48 15.54 15.10
N GLU A 166 14.90 14.79 14.09
CA GLU A 166 15.36 13.44 14.32
C GLU A 166 16.71 13.47 15.03
N GLN A 167 17.07 12.34 15.63
CA GLN A 167 18.36 12.22 16.30
C GLN A 167 19.47 12.40 15.28
N ASP A 168 20.47 13.21 15.64
CA ASP A 168 21.62 13.39 14.76
C ASP A 168 22.47 12.13 14.79
N SER A 169 22.87 11.67 13.60
CA SER A 169 23.62 10.43 13.51
C SER A 169 24.99 10.54 14.18
N LYS A 170 25.58 11.73 14.19
CA LYS A 170 26.93 11.89 14.73
C LYS A 170 26.92 11.98 16.25
N ASP A 171 26.32 13.03 16.81
CA ASP A 171 26.40 13.30 18.24
C ASP A 171 25.17 12.87 19.01
N SER A 172 24.20 12.21 18.35
CA SER A 172 23.10 11.54 19.04
C SER A 172 22.28 12.51 19.87
N THR A 173 22.00 13.69 19.32
CA THR A 173 21.23 14.71 20.04
C THR A 173 20.00 15.11 19.26
N TYR A 174 19.04 15.63 20.01
CA TYR A 174 17.85 16.24 19.47
C TYR A 174 17.98 17.76 19.54
N SER A 175 17.21 18.44 18.70
CA SER A 175 17.12 19.90 18.74
C SER A 175 15.66 20.27 18.49
N LEU A 176 15.18 21.25 19.23
CA LEU A 176 13.76 21.63 19.22
C LEU A 176 13.62 23.12 18.94
N SER A 177 12.57 23.46 18.21
CA SER A 177 12.21 24.84 17.91
C SER A 177 10.80 25.07 18.42
N SER A 178 10.61 26.11 19.23
CA SER A 178 9.27 26.50 19.69
C SER A 178 8.99 27.92 19.22
N THR A 179 8.01 28.08 18.35
CA THR A 179 7.69 29.36 17.75
C THR A 179 6.43 29.94 18.38
N LEU A 180 6.49 31.22 18.75
CA LEU A 180 5.37 31.95 19.34
C LEU A 180 4.96 33.05 18.36
N THR A 181 3.74 32.96 17.84
CA THR A 181 3.27 33.82 16.77
C THR A 181 2.09 34.63 17.27
N LEU A 182 2.18 35.96 17.21
CA LEU A 182 1.08 36.85 17.51
C LEU A 182 0.93 37.90 16.42
N SER A 183 -0.07 38.77 16.57
CA SER A 183 -0.23 39.87 15.64
C SER A 183 0.62 41.05 16.11
N LYS A 184 0.88 41.97 15.17
CA LYS A 184 1.65 43.17 15.49
C LYS A 184 1.01 43.95 16.64
N ALA A 185 -0.30 44.15 16.57
CA ALA A 185 -1.01 44.84 17.63
C ALA A 185 -0.86 44.12 18.96
N ASP A 186 -1.02 42.80 18.96
CA ASP A 186 -0.82 42.01 20.17
C ASP A 186 0.63 42.06 20.62
N TYR A 187 1.56 42.07 19.65
CA TYR A 187 2.98 42.08 19.97
C TYR A 187 3.38 43.35 20.70
N GLU A 188 2.76 44.48 20.34
CA GLU A 188 3.14 45.77 20.92
C GLU A 188 2.50 46.02 22.29
N LYS A 189 1.69 45.09 22.80
CA LYS A 189 1.03 45.17 24.10
C LYS A 189 1.95 44.77 25.26
N HIS A 190 3.16 44.29 25.00
CA HIS A 190 3.99 43.78 26.09
C HIS A 190 5.46 44.14 25.86
N LYS A 191 6.23 44.13 26.95
CA LYS A 191 7.62 44.59 26.92
C LYS A 191 8.64 43.46 26.83
N VAL A 192 8.64 42.53 27.80
CA VAL A 192 9.70 41.53 27.91
C VAL A 192 9.13 40.16 27.54
N TYR A 193 9.83 39.46 26.64
CA TYR A 193 9.45 38.14 26.14
C TYR A 193 10.52 37.14 26.52
N ALA A 194 10.11 36.01 27.10
CA ALA A 194 11.03 35.11 27.75
C ALA A 194 10.66 33.67 27.44
N CYS A 195 11.70 32.84 27.43
CA CYS A 195 11.62 31.41 27.16
C CYS A 195 12.24 30.70 28.36
N GLU A 196 11.48 29.81 29.00
CA GLU A 196 11.91 29.13 30.22
C GLU A 196 11.93 27.63 29.94
N VAL A 197 13.11 27.06 29.78
CA VAL A 197 13.27 25.66 29.40
C VAL A 197 13.73 24.86 30.61
N THR A 198 13.07 23.73 30.83
CA THR A 198 13.40 22.75 31.85
C THR A 198 13.90 21.49 31.16
N HIS A 199 15.05 20.99 31.63
CA HIS A 199 15.68 19.80 31.09
C HIS A 199 16.39 19.07 32.22
N GLN A 200 16.48 17.74 32.10
CA GLN A 200 17.21 16.94 33.07
C GLN A 200 18.70 17.27 33.13
N GLY A 201 19.26 17.86 32.07
CA GLY A 201 20.65 18.25 32.10
C GLY A 201 20.86 19.66 32.65
N LEU A 202 19.86 20.18 33.36
CA LEU A 202 19.88 21.54 33.88
C LEU A 202 19.61 21.51 35.38
N SER A 203 20.53 22.09 36.15
CA SER A 203 20.30 22.18 37.59
C SER A 203 19.07 23.03 37.89
N SER A 204 18.95 24.16 37.22
CA SER A 204 17.84 25.08 37.36
C SER A 204 17.26 25.40 35.99
N PRO A 205 15.97 25.69 35.93
CA PRO A 205 15.36 26.02 34.63
C PRO A 205 16.02 27.26 34.04
N VAL A 206 16.48 27.12 32.80
CA VAL A 206 17.20 28.20 32.13
C VAL A 206 16.21 29.09 31.42
N THR A 207 16.26 30.39 31.70
CA THR A 207 15.36 31.32 31.04
C THR A 207 16.18 32.36 30.28
N LYS A 208 15.87 32.50 28.98
CA LYS A 208 16.46 33.50 28.11
C LYS A 208 15.37 34.46 27.66
N SER A 209 15.61 35.77 27.81
CA SER A 209 14.59 36.78 27.58
C SER A 209 15.17 37.97 26.83
N PHE A 210 14.29 38.79 26.29
CA PHE A 210 14.67 40.09 25.77
C PHE A 210 13.60 41.12 26.12
N ASN A 211 14.00 42.38 26.10
CA ASN A 211 13.05 43.49 26.18
C ASN A 211 12.75 43.99 24.77
N ARG A 212 11.48 44.24 24.49
CA ARG A 212 11.06 44.57 23.12
C ARG A 212 11.73 45.84 22.61
N GLY A 213 12.31 45.75 21.42
CA GLY A 213 12.96 46.89 20.78
C GLY A 213 14.20 47.44 21.43
N GLU A 214 15.14 46.59 21.84
CA GLU A 214 16.47 47.05 22.26
C GLU A 214 17.50 45.94 22.07
N CYS A 215 18.59 46.27 21.38
CA CYS A 215 19.71 45.34 21.16
C CYS A 215 21.01 46.09 20.89
N MET B 2 12.11 -7.75 -7.55
CA MET B 2 12.79 -6.50 -7.85
C MET B 2 12.17 -5.29 -7.14
N GLN B 3 11.10 -4.69 -7.70
CA GLN B 3 10.68 -3.38 -7.21
C GLN B 3 9.19 -3.11 -7.46
N LEU B 4 8.68 -2.12 -6.71
CA LEU B 4 7.33 -1.55 -6.85
C LEU B 4 7.43 -0.03 -6.87
N VAL B 5 6.85 0.61 -7.89
CA VAL B 5 6.94 2.06 -8.02
C VAL B 5 5.54 2.65 -8.03
N GLN B 6 5.39 3.81 -7.42
CA GLN B 6 4.07 4.38 -7.18
C GLN B 6 3.91 5.71 -7.92
N SER B 7 2.70 6.25 -7.84
CA SER B 7 2.35 7.48 -8.53
C SER B 7 3.07 8.66 -7.91
N GLY B 8 2.78 9.84 -8.43
CA GLY B 8 3.30 11.05 -7.84
C GLY B 8 2.56 11.40 -6.57
N PRO B 9 2.97 12.50 -5.96
CA PRO B 9 2.24 13.02 -4.80
C PRO B 9 1.02 13.80 -5.25
N GLU B 10 0.01 13.80 -4.38
CA GLU B 10 -1.29 14.40 -4.69
C GLU B 10 -1.73 15.31 -3.55
N VAL B 11 -2.36 16.43 -3.90
CA VAL B 11 -3.04 17.29 -2.95
C VAL B 11 -4.46 17.52 -3.47
N LYS B 12 -5.46 17.27 -2.62
CA LYS B 12 -6.86 17.29 -3.04
C LYS B 12 -7.71 18.04 -2.03
N LYS B 13 -8.76 18.72 -2.55
CA LYS B 13 -9.72 19.41 -1.71
C LYS B 13 -10.67 18.40 -1.06
N PRO B 14 -11.17 18.70 0.15
CA PRO B 14 -12.02 17.73 0.85
C PRO B 14 -13.24 17.35 0.03
N GLY B 15 -13.62 16.08 0.14
CA GLY B 15 -14.78 15.57 -0.55
C GLY B 15 -14.53 14.99 -1.93
N THR B 16 -13.32 15.11 -2.46
CA THR B 16 -12.98 14.58 -3.77
C THR B 16 -12.36 13.19 -3.62
N SER B 17 -11.86 12.66 -4.75
CA SER B 17 -11.22 11.36 -4.79
C SER B 17 -9.75 11.50 -5.18
N VAL B 18 -8.98 10.44 -4.89
CA VAL B 18 -7.58 10.34 -5.28
C VAL B 18 -7.29 8.87 -5.61
N LYS B 19 -6.51 8.65 -6.67
CA LYS B 19 -6.21 7.31 -7.14
C LYS B 19 -4.71 7.20 -7.37
N VAL B 20 -4.05 6.34 -6.59
CA VAL B 20 -2.62 6.13 -6.75
C VAL B 20 -2.37 4.70 -7.22
N SER B 21 -1.19 4.49 -7.81
CA SER B 21 -0.90 3.30 -8.61
C SER B 21 0.39 2.64 -8.14
N CYS B 22 0.47 1.35 -8.41
CA CYS B 22 1.60 0.50 -8.00
C CYS B 22 2.00 -0.32 -9.20
N LYS B 23 3.11 0.02 -9.84
CA LYS B 23 3.63 -0.74 -10.96
C LYS B 23 4.70 -1.72 -10.46
N ALA B 24 4.53 -2.99 -10.83
CA ALA B 24 5.43 -4.06 -10.41
C ALA B 24 6.48 -4.30 -11.47
N SER B 25 7.71 -4.56 -11.02
CA SER B 25 8.79 -4.86 -11.94
C SER B 25 9.66 -5.95 -11.33
N GLY B 26 10.01 -6.95 -12.14
CA GLY B 26 11.02 -7.92 -11.77
C GLY B 26 10.54 -9.19 -11.11
N PHE B 27 9.22 -9.38 -10.97
CA PHE B 27 8.68 -10.61 -10.41
C PHE B 27 7.34 -10.93 -11.06
N THR B 28 6.96 -12.20 -11.00
CA THR B 28 5.73 -12.62 -11.65
C THR B 28 4.54 -12.06 -10.88
N PHE B 29 4.05 -10.90 -11.32
CA PHE B 29 3.02 -10.18 -10.59
C PHE B 29 1.71 -10.94 -10.52
N THR B 30 1.41 -11.76 -11.54
CA THR B 30 0.10 -12.40 -11.66
C THR B 30 -0.28 -13.20 -10.42
N SER B 31 0.70 -13.77 -9.73
CA SER B 31 0.41 -14.74 -8.68
C SER B 31 0.45 -14.17 -7.27
N SER B 32 0.81 -12.89 -7.11
CA SER B 32 0.99 -12.29 -5.79
C SER B 32 -0.31 -11.65 -5.32
N ALA B 33 -0.20 -10.83 -4.26
CA ALA B 33 -1.30 -10.02 -3.74
C ALA B 33 -0.77 -8.63 -3.41
N VAL B 34 -1.65 -7.66 -3.35
CA VAL B 34 -1.24 -6.28 -3.09
C VAL B 34 -2.05 -5.73 -1.92
N GLN B 35 -1.37 -5.20 -0.91
CA GLN B 35 -2.01 -4.58 0.24
C GLN B 35 -1.65 -3.11 0.30
N TRP B 36 -2.65 -2.28 0.58
CA TRP B 36 -2.47 -0.84 0.72
C TRP B 36 -2.61 -0.48 2.20
N VAL B 37 -1.63 0.28 2.69
CA VAL B 37 -1.62 0.86 4.02
C VAL B 37 -1.31 2.35 3.90
N ARG B 38 -1.54 3.08 4.98
CA ARG B 38 -1.24 4.50 5.00
C ARG B 38 -0.66 4.84 6.35
N GLN B 39 0.00 6.00 6.42
CA GLN B 39 0.70 6.41 7.62
C GLN B 39 0.69 7.93 7.72
N ALA B 40 0.04 8.45 8.77
CA ALA B 40 0.13 9.86 9.06
C ALA B 40 1.56 10.22 9.44
N ARG B 41 1.96 11.47 9.20
CA ARG B 41 3.34 11.86 9.46
C ARG B 41 3.66 11.68 10.94
N GLY B 42 4.60 10.79 11.24
CA GLY B 42 5.00 10.53 12.62
C GLY B 42 4.07 9.63 13.42
N GLN B 43 3.06 9.04 12.79
CA GLN B 43 2.14 8.15 13.47
C GLN B 43 2.36 6.70 13.04
N ARG B 44 1.51 5.82 13.55
CA ARG B 44 1.64 4.40 13.24
C ARG B 44 1.13 4.12 11.82
N LEU B 45 1.49 2.95 11.32
CA LEU B 45 0.92 2.49 10.05
C LEU B 45 -0.52 2.05 10.28
N GLU B 46 -1.35 2.21 9.24
CA GLU B 46 -2.75 1.85 9.29
C GLU B 46 -3.08 0.98 8.08
N TRP B 47 -3.78 -0.12 8.31
CA TRP B 47 -4.11 -1.03 7.23
C TRP B 47 -5.40 -0.58 6.55
N ILE B 48 -5.32 -0.32 5.24
CA ILE B 48 -6.49 0.10 4.47
C ILE B 48 -7.19 -1.11 3.91
N GLY B 49 -6.48 -1.91 3.11
CA GLY B 49 -7.13 -3.07 2.51
C GLY B 49 -6.13 -3.88 1.70
N TRP B 50 -6.65 -4.89 1.01
CA TRP B 50 -5.80 -5.73 0.17
C TRP B 50 -6.63 -6.37 -0.94
N ILE B 51 -5.91 -6.93 -1.92
CA ILE B 51 -6.50 -7.46 -3.15
C ILE B 51 -5.66 -8.62 -3.63
N VAL B 52 -6.32 -9.60 -4.26
CA VAL B 52 -5.66 -10.80 -4.79
C VAL B 52 -5.47 -10.60 -6.29
N VAL B 53 -4.21 -10.55 -6.72
CA VAL B 53 -3.93 -10.08 -8.07
C VAL B 53 -4.63 -10.97 -9.09
N GLY B 54 -4.65 -12.28 -8.85
CA GLY B 54 -5.25 -13.19 -9.81
C GLY B 54 -6.76 -13.02 -9.96
N SER B 55 -7.47 -12.84 -8.84
CA SER B 55 -8.92 -12.87 -8.86
C SER B 55 -9.59 -11.52 -8.66
N GLY B 56 -8.86 -10.51 -8.21
CA GLY B 56 -9.45 -9.20 -8.02
C GLY B 56 -10.30 -9.06 -6.78
N ASN B 57 -10.51 -10.14 -6.03
CA ASN B 57 -11.26 -10.05 -4.79
C ASN B 57 -10.54 -9.14 -3.80
N THR B 58 -11.33 -8.38 -3.06
CA THR B 58 -10.78 -7.37 -2.18
C THR B 58 -11.29 -7.58 -0.77
N ASN B 59 -10.47 -7.16 0.20
CA ASN B 59 -10.92 -7.03 1.57
C ASN B 59 -10.55 -5.65 2.06
N TYR B 60 -11.48 -5.03 2.80
CA TYR B 60 -11.32 -3.68 3.28
C TYR B 60 -11.59 -3.67 4.78
N ALA B 61 -10.86 -2.83 5.50
CA ALA B 61 -11.23 -2.56 6.88
C ALA B 61 -12.54 -1.78 6.90
N GLN B 62 -13.31 -1.96 7.98
CA GLN B 62 -14.62 -1.30 8.03
C GLN B 62 -14.49 0.21 7.94
N LYS B 63 -13.33 0.75 8.36
CA LYS B 63 -13.07 2.19 8.30
C LYS B 63 -13.25 2.75 6.90
N PHE B 64 -12.98 1.95 5.87
CA PHE B 64 -12.98 2.43 4.50
C PHE B 64 -13.91 1.64 3.58
N GLN B 65 -14.77 0.77 4.16
CA GLN B 65 -15.53 -0.17 3.33
C GLN B 65 -16.26 0.54 2.20
N GLU B 66 -16.85 1.70 2.50
CA GLU B 66 -17.69 2.41 1.56
C GLU B 66 -16.97 3.50 0.79
N ARG B 67 -15.69 3.75 1.06
CA ARG B 67 -15.00 4.85 0.41
C ARG B 67 -13.80 4.45 -0.45
N VAL B 68 -13.32 3.22 -0.33
CA VAL B 68 -12.09 2.82 -1.00
C VAL B 68 -12.39 1.75 -2.04
N THR B 69 -11.65 1.80 -3.15
CA THR B 69 -11.77 0.82 -4.22
C THR B 69 -10.38 0.42 -4.65
N ILE B 70 -10.08 -0.88 -4.56
CA ILE B 70 -8.80 -1.42 -4.96
C ILE B 70 -9.00 -2.22 -6.24
N THR B 71 -8.23 -1.89 -7.26
CA THR B 71 -8.34 -2.56 -8.54
C THR B 71 -6.95 -2.87 -9.06
N ARG B 72 -6.89 -3.61 -10.16
CA ARG B 72 -5.61 -3.94 -10.78
C ARG B 72 -5.82 -4.18 -12.26
N ASP B 73 -4.83 -3.77 -13.05
CA ASP B 73 -4.76 -4.07 -14.47
C ASP B 73 -3.55 -4.96 -14.69
N MET B 74 -3.79 -6.24 -14.98
CA MET B 74 -2.70 -7.16 -15.18
C MET B 74 -1.96 -6.87 -16.47
N SER B 75 -2.66 -6.32 -17.47
CA SER B 75 -2.04 -6.01 -18.75
C SER B 75 -0.81 -5.14 -18.55
N THR B 76 -0.97 -4.05 -17.79
CA THR B 76 0.15 -3.21 -17.42
C THR B 76 0.79 -3.63 -16.10
N SER B 77 0.25 -4.68 -15.46
CA SER B 77 0.74 -5.23 -14.20
C SER B 77 0.90 -4.12 -13.14
N THR B 78 -0.20 -3.40 -12.90
CA THR B 78 -0.23 -2.39 -11.84
C THR B 78 -1.51 -2.52 -11.03
N ALA B 79 -1.46 -1.97 -9.81
CA ALA B 79 -2.57 -1.94 -8.89
C ALA B 79 -2.94 -0.48 -8.57
N TYR B 80 -4.17 -0.27 -8.12
CA TYR B 80 -4.68 1.07 -7.87
C TYR B 80 -5.48 1.09 -6.58
N MET B 81 -5.28 2.14 -5.80
CA MET B 81 -6.14 2.46 -4.67
C MET B 81 -6.78 3.81 -4.89
N GLU B 82 -8.11 3.84 -4.81
CA GLU B 82 -8.89 5.05 -5.03
C GLU B 82 -9.71 5.33 -3.78
N LEU B 83 -9.49 6.51 -3.21
CA LEU B 83 -10.19 6.97 -2.01
C LEU B 83 -11.06 8.17 -2.38
N SER B 84 -12.37 8.00 -2.23
CA SER B 84 -13.32 9.07 -2.49
C SER B 84 -13.85 9.59 -1.17
N SER B 85 -14.52 10.74 -1.25
CA SER B 85 -15.02 11.47 -0.09
C SER B 85 -13.89 11.68 0.91
N LEU B 86 -12.86 12.40 0.47
CA LEU B 86 -11.64 12.57 1.24
C LEU B 86 -11.87 13.47 2.44
N ARG B 87 -11.50 12.97 3.61
CA ARG B 87 -11.52 13.71 4.85
C ARG B 87 -10.18 14.43 5.03
N SER B 88 -10.18 15.44 5.90
CA SER B 88 -8.91 16.12 6.21
C SER B 88 -7.93 15.16 6.83
N GLU B 89 -8.40 14.37 7.80
CA GLU B 89 -7.54 13.43 8.52
C GLU B 89 -6.99 12.32 7.64
N ASP B 90 -7.41 12.26 6.37
CA ASP B 90 -6.88 11.24 5.47
C ASP B 90 -5.51 11.61 4.91
N THR B 91 -5.01 12.81 5.18
CA THR B 91 -3.71 13.19 4.65
C THR B 91 -2.63 12.29 5.27
N ALA B 92 -1.83 11.65 4.41
CA ALA B 92 -0.82 10.72 4.90
C ALA B 92 0.09 10.32 3.73
N VAL B 93 1.09 9.48 4.03
CA VAL B 93 1.81 8.79 2.98
C VAL B 93 1.17 7.43 2.82
N TYR B 94 0.79 7.09 1.58
CA TYR B 94 0.13 5.82 1.27
C TYR B 94 1.16 4.88 0.65
N TYR B 95 1.34 3.73 1.27
CA TYR B 95 2.29 2.71 0.86
C TYR B 95 1.51 1.52 0.31
N CYS B 96 2.12 0.86 -0.67
CA CYS B 96 1.57 -0.33 -1.31
C CYS B 96 2.65 -1.41 -1.26
N ALA B 97 2.25 -2.63 -0.87
CA ALA B 97 3.19 -3.71 -0.60
C ALA B 97 2.68 -5.01 -1.21
N ALA B 98 3.60 -5.92 -1.51
CA ALA B 98 3.26 -7.18 -2.17
C ALA B 98 4.34 -8.21 -1.89
N PRO B 99 4.01 -9.52 -1.94
CA PRO B 99 5.05 -10.55 -1.85
C PRO B 99 5.58 -10.94 -3.22
N HIS B 100 6.90 -10.94 -3.37
CA HIS B 100 7.50 -11.28 -4.65
C HIS B 100 7.29 -12.76 -4.94
N CYS B 101 6.90 -13.08 -6.18
CA CYS B 101 6.51 -14.44 -6.56
C CYS B 101 7.22 -14.88 -7.84
N SER B 102 7.60 -16.14 -7.87
CA SER B 102 8.14 -16.78 -9.06
C SER B 102 7.01 -17.49 -9.81
N SER B 103 7.36 -18.20 -10.87
CA SER B 103 6.35 -18.98 -11.58
C SER B 103 5.72 -20.03 -10.69
N THR B 104 6.51 -20.60 -9.77
CA THR B 104 6.13 -21.78 -9.00
C THR B 104 5.54 -21.45 -7.63
N ILE B 105 6.11 -20.51 -6.87
CA ILE B 105 5.69 -20.27 -5.50
C ILE B 105 5.75 -18.78 -5.18
N CYS B 106 4.99 -18.38 -4.15
CA CYS B 106 4.94 -17.02 -3.63
C CYS B 106 5.58 -16.97 -2.25
N TYR B 107 5.97 -15.74 -1.86
CA TYR B 107 6.60 -15.51 -0.58
C TYR B 107 5.57 -15.40 0.53
N ASP B 108 5.94 -15.85 1.72
CA ASP B 108 5.04 -15.92 2.86
C ASP B 108 5.06 -14.64 3.68
N GLY B 109 5.37 -13.51 3.04
CA GLY B 109 5.32 -12.21 3.71
C GLY B 109 5.45 -11.09 2.71
N PHE B 110 5.09 -9.89 3.16
CA PHE B 110 5.18 -8.72 2.29
C PHE B 110 6.62 -8.21 2.33
N ASP B 111 7.40 -8.53 1.28
CA ASP B 111 8.80 -8.11 1.20
C ASP B 111 9.02 -6.93 0.26
N ILE B 112 8.29 -6.87 -0.85
CA ILE B 112 8.40 -5.76 -1.79
C ILE B 112 7.53 -4.62 -1.30
N TRP B 113 8.10 -3.42 -1.17
CA TRP B 113 7.34 -2.25 -0.76
C TRP B 113 7.53 -1.11 -1.76
N GLY B 114 6.44 -0.40 -2.03
CA GLY B 114 6.51 0.79 -2.86
C GLY B 114 7.14 1.94 -2.10
N GLN B 115 7.49 3.00 -2.85
CA GLN B 115 8.20 4.12 -2.25
C GLN B 115 7.29 5.02 -1.42
N GLY B 116 5.98 4.94 -1.62
CA GLY B 116 5.05 5.79 -0.92
C GLY B 116 4.62 6.98 -1.77
N THR B 117 3.37 7.41 -1.60
CA THR B 117 2.86 8.61 -2.25
C THR B 117 2.24 9.52 -1.20
N MET B 118 2.73 10.75 -1.12
CA MET B 118 2.21 11.71 -0.16
C MET B 118 0.91 12.29 -0.70
N VAL B 119 -0.15 12.27 0.11
CA VAL B 119 -1.48 12.72 -0.26
C VAL B 119 -1.97 13.68 0.82
N THR B 120 -2.15 14.95 0.46
CA THR B 120 -2.52 16.00 1.39
C THR B 120 -3.94 16.45 1.09
N VAL B 121 -4.82 16.43 2.10
CA VAL B 121 -6.21 16.84 1.94
C VAL B 121 -6.46 18.07 2.81
N SER B 122 -6.72 19.20 2.17
CA SER B 122 -6.90 20.48 2.83
C SER B 122 -7.59 21.41 1.86
N SER B 123 -8.46 22.26 2.40
CA SER B 123 -9.12 23.26 1.57
C SER B 123 -8.16 24.35 1.12
N ALA B 124 -7.02 24.49 1.79
CA ALA B 124 -6.10 25.58 1.53
C ALA B 124 -5.61 25.57 0.08
N SER B 125 -5.64 26.73 -0.56
CA SER B 125 -5.11 26.87 -1.91
C SER B 125 -3.59 27.06 -1.85
N THR B 126 -2.94 26.81 -2.99
CA THR B 126 -1.49 26.87 -3.05
C THR B 126 -0.99 28.27 -2.81
N LYS B 127 0.00 28.41 -1.92
CA LYS B 127 0.63 29.69 -1.61
C LYS B 127 2.13 29.48 -1.40
N GLY B 128 2.92 30.43 -1.88
CA GLY B 128 4.34 30.42 -1.65
C GLY B 128 4.67 30.91 -0.24
N PRO B 129 5.88 30.62 0.21
CA PRO B 129 6.29 31.00 1.57
C PRO B 129 6.92 32.38 1.64
N SER B 130 6.78 33.00 2.80
CA SER B 130 7.55 34.21 3.10
C SER B 130 8.66 33.83 4.06
N VAL B 131 9.86 34.37 3.81
CA VAL B 131 11.07 34.00 4.52
C VAL B 131 11.52 35.17 5.38
N PHE B 132 11.69 34.91 6.68
CA PHE B 132 12.00 35.95 7.63
C PHE B 132 13.30 35.60 8.36
N PRO B 133 14.28 36.49 8.38
CA PRO B 133 15.56 36.17 9.02
C PRO B 133 15.44 36.06 10.54
N LEU B 134 16.38 35.30 11.12
CA LEU B 134 16.64 35.28 12.56
C LEU B 134 18.15 35.46 12.73
N ALA B 135 18.56 36.70 13.22
CA ALA B 135 19.92 37.19 13.39
C ALA B 135 20.49 36.78 14.75
N PRO B 136 21.81 36.60 14.81
CA PRO B 136 22.43 36.14 16.05
C PRO B 136 22.31 37.18 17.16
N SER B 137 22.23 36.69 18.39
CA SER B 137 22.07 37.54 19.55
C SER B 137 23.41 38.10 20.01
N SER B 138 23.41 39.38 20.38
CA SER B 138 24.61 40.06 20.85
C SER B 138 24.97 39.65 22.27
N GLY B 144 30.70 30.27 23.39
CA GLY B 144 31.64 30.95 22.49
C GLY B 144 31.23 30.86 21.04
N THR B 145 30.04 30.29 20.80
CA THR B 145 29.48 30.14 19.47
C THR B 145 28.05 30.69 19.47
N ALA B 146 27.57 31.10 18.28
CA ALA B 146 26.24 31.70 18.13
C ALA B 146 25.47 30.95 17.04
N ALA B 147 24.21 31.34 16.82
CA ALA B 147 23.37 30.67 15.83
C ALA B 147 22.44 31.65 15.14
N LEU B 148 21.99 31.25 13.94
CA LEU B 148 21.14 32.08 13.11
C LEU B 148 20.26 31.17 12.25
N GLY B 149 19.42 31.78 11.42
CA GLY B 149 18.62 30.98 10.50
C GLY B 149 17.56 31.81 9.80
N CYS B 150 16.67 31.12 9.10
CA CYS B 150 15.49 31.77 8.52
C CYS B 150 14.23 30.96 8.84
N LEU B 151 13.15 31.70 9.07
CA LEU B 151 11.83 31.16 9.35
C LEU B 151 11.03 31.21 8.05
N VAL B 152 10.67 30.05 7.53
CA VAL B 152 9.92 29.93 6.29
C VAL B 152 8.47 29.69 6.69
N LYS B 153 7.60 30.69 6.51
CA LYS B 153 6.26 30.60 7.08
C LYS B 153 5.20 30.89 6.02
N ASP B 154 3.99 30.40 6.31
CA ASP B 154 2.79 30.64 5.52
C ASP B 154 2.97 30.15 4.08
N TYR B 155 3.07 28.82 3.95
CA TYR B 155 3.10 28.18 2.65
C TYR B 155 2.24 26.91 2.66
N PHE B 156 2.01 26.38 1.44
CA PHE B 156 1.21 25.18 1.16
C PHE B 156 1.46 24.73 -0.27
N PRO B 157 1.66 23.42 -0.54
CA PRO B 157 1.74 22.23 0.32
C PRO B 157 3.18 21.91 0.70
N GLU B 158 3.39 20.78 1.37
CA GLU B 158 4.49 20.68 2.33
C GLU B 158 5.91 20.78 1.75
N PRO B 159 6.27 20.17 0.61
CA PRO B 159 7.71 20.05 0.27
C PRO B 159 8.38 21.39 0.00
N VAL B 160 9.36 21.74 0.85
CA VAL B 160 10.19 22.94 0.69
C VAL B 160 11.65 22.56 0.89
N THR B 161 12.51 22.98 -0.04
CA THR B 161 13.95 22.77 0.05
C THR B 161 14.58 24.04 0.60
N VAL B 162 15.48 23.88 1.57
CA VAL B 162 16.23 25.00 2.13
C VAL B 162 17.71 24.64 2.12
N SER B 163 18.55 25.61 1.74
CA SER B 163 19.99 25.41 1.69
C SER B 163 20.68 26.70 2.10
N TRP B 164 21.98 26.59 2.38
CA TRP B 164 22.77 27.70 2.90
C TRP B 164 23.96 27.99 2.00
N ASN B 165 24.09 29.26 1.60
CA ASN B 165 25.16 29.71 0.71
C ASN B 165 25.20 28.87 -0.54
N SER B 166 24.01 28.58 -1.08
CA SER B 166 23.86 27.71 -2.25
C SER B 166 24.55 26.37 -2.02
N GLY B 167 24.39 25.82 -0.82
CA GLY B 167 24.87 24.50 -0.49
C GLY B 167 26.27 24.41 0.03
N ALA B 168 26.97 25.55 0.15
CA ALA B 168 28.35 25.50 0.62
C ALA B 168 28.44 25.15 2.10
N LEU B 169 27.55 25.71 2.91
CA LEU B 169 27.55 25.49 4.36
C LEU B 169 26.53 24.41 4.70
N THR B 170 27.00 23.31 5.29
CA THR B 170 26.16 22.18 5.64
C THR B 170 26.34 21.68 7.06
N SER B 171 27.47 21.95 7.70
CA SER B 171 27.72 21.46 9.05
C SER B 171 26.93 22.26 10.08
N GLY B 172 26.25 21.56 10.98
CA GLY B 172 25.52 22.19 12.06
C GLY B 172 24.17 22.77 11.67
N VAL B 173 23.68 22.47 10.48
CA VAL B 173 22.38 22.97 10.03
C VAL B 173 21.29 22.02 10.49
N HIS B 174 20.27 22.55 11.13
CA HIS B 174 19.10 21.80 11.52
C HIS B 174 17.88 22.46 10.90
N THR B 175 17.19 21.73 10.02
CA THR B 175 15.93 22.18 9.45
C THR B 175 14.82 21.34 10.04
N PHE B 176 14.02 21.96 10.90
CA PHE B 176 13.00 21.23 11.61
C PHE B 176 11.89 20.81 10.65
N PRO B 177 11.24 19.69 10.92
CA PRO B 177 10.03 19.35 10.17
C PRO B 177 9.00 20.44 10.37
N ALA B 178 8.30 20.77 9.29
CA ALA B 178 7.35 21.87 9.33
C ALA B 178 6.15 21.51 10.18
N VAL B 179 5.53 22.54 10.78
CA VAL B 179 4.29 22.38 11.51
C VAL B 179 3.19 23.09 10.75
N LEU B 180 1.97 22.58 10.90
CA LEU B 180 0.81 23.06 10.17
C LEU B 180 0.02 23.98 11.08
N GLN B 181 0.06 25.28 10.80
CA GLN B 181 -0.62 26.22 11.67
C GLN B 181 -2.12 26.24 11.37
N SER B 182 -2.89 26.79 12.32
CA SER B 182 -4.34 26.76 12.24
C SER B 182 -4.87 27.49 11.01
N SER B 183 -4.07 28.35 10.41
CA SER B 183 -4.42 28.93 9.13
C SER B 183 -4.57 27.89 8.02
N GLY B 184 -4.05 26.68 8.23
CA GLY B 184 -4.02 25.68 7.20
C GLY B 184 -2.78 25.72 6.34
N LEU B 185 -1.96 26.76 6.47
CA LEU B 185 -0.65 26.80 5.84
C LEU B 185 0.42 26.24 6.79
N TYR B 186 1.61 26.01 6.23
CA TYR B 186 2.72 25.43 6.97
C TYR B 186 3.75 26.50 7.31
N SER B 187 4.54 26.23 8.36
CA SER B 187 5.72 27.02 8.64
C SER B 187 6.76 26.12 9.30
N LEU B 188 8.01 26.29 8.89
CA LEU B 188 9.14 25.65 9.53
C LEU B 188 10.20 26.71 9.75
N SER B 189 11.23 26.33 10.48
CA SER B 189 12.38 27.18 10.67
C SER B 189 13.64 26.36 10.46
N SER B 190 14.64 26.96 9.83
CA SER B 190 15.91 26.31 9.57
C SER B 190 17.02 27.15 10.19
N VAL B 191 17.84 26.52 11.04
CA VAL B 191 18.87 27.21 11.81
C VAL B 191 20.21 26.53 11.58
N VAL B 192 21.27 27.25 11.94
CA VAL B 192 22.62 26.69 11.94
C VAL B 192 23.46 27.45 12.96
N THR B 193 24.41 26.75 13.57
CA THR B 193 25.30 27.31 14.58
C THR B 193 26.68 27.54 13.96
N VAL B 194 27.24 28.73 14.17
CA VAL B 194 28.56 29.07 13.67
C VAL B 194 29.40 29.53 14.86
N PRO B 195 30.73 29.52 14.72
CA PRO B 195 31.56 30.16 15.74
C PRO B 195 31.24 31.64 15.83
N SER B 196 31.16 32.15 17.06
CA SER B 196 30.92 33.58 17.24
C SER B 196 32.04 34.38 16.61
N SER B 197 33.27 33.84 16.61
CA SER B 197 34.42 34.54 16.05
C SER B 197 34.22 34.86 14.57
N SER B 198 33.53 34.00 13.85
CA SER B 198 33.35 34.14 12.41
C SER B 198 32.13 34.97 12.05
N LEU B 199 31.44 35.58 13.02
CA LEU B 199 30.20 36.27 12.74
C LEU B 199 30.41 37.49 11.83
N GLY B 200 31.48 38.24 12.05
CA GLY B 200 31.73 39.44 11.28
C GLY B 200 32.35 39.21 9.92
N THR B 201 33.27 38.25 9.83
CA THR B 201 33.99 38.04 8.58
C THR B 201 33.12 37.36 7.53
N GLN B 202 32.33 36.37 7.92
CA GLN B 202 31.52 35.59 7.00
C GLN B 202 30.08 36.08 6.99
N THR B 203 29.40 35.89 5.86
CA THR B 203 28.01 36.29 5.70
C THR B 203 27.20 35.12 5.17
N TYR B 204 25.94 35.04 5.62
CA TYR B 204 25.10 33.87 5.39
C TYR B 204 23.81 34.27 4.69
N ILE B 205 23.53 33.61 3.57
CA ILE B 205 22.26 33.74 2.86
C ILE B 205 21.64 32.35 2.77
N CYS B 206 20.31 32.29 2.90
CA CYS B 206 19.58 31.04 2.78
C CYS B 206 18.66 31.09 1.58
N ASN B 207 18.59 29.96 0.88
CA ASN B 207 17.81 29.82 -0.35
C ASN B 207 16.75 28.74 -0.13
N VAL B 208 15.50 29.07 -0.43
CA VAL B 208 14.37 28.15 -0.31
C VAL B 208 13.73 28.00 -1.68
N ASN B 209 13.50 26.75 -2.09
CA ASN B 209 12.71 26.41 -3.25
C ASN B 209 11.39 25.80 -2.77
N HIS B 210 10.29 26.35 -3.25
CA HIS B 210 8.96 25.78 -3.09
C HIS B 210 8.51 25.41 -4.49
N LYS B 211 8.69 24.14 -4.84
CA LYS B 211 8.33 23.68 -6.18
C LYS B 211 6.86 23.90 -6.53
N PRO B 212 5.88 23.63 -5.65
CA PRO B 212 4.47 23.75 -6.08
C PRO B 212 4.08 25.13 -6.60
N SER B 213 4.56 26.20 -5.97
CA SER B 213 4.20 27.54 -6.40
C SER B 213 5.27 28.19 -7.27
N ASN B 214 6.34 27.45 -7.60
CA ASN B 214 7.47 27.99 -8.36
C ASN B 214 8.06 29.22 -7.65
N THR B 215 8.39 29.05 -6.38
CA THR B 215 8.91 30.15 -5.57
C THR B 215 10.34 29.85 -5.15
N LYS B 216 11.29 30.61 -5.68
CA LYS B 216 12.68 30.54 -5.23
C LYS B 216 13.01 31.87 -4.56
N VAL B 217 13.32 31.81 -3.26
CA VAL B 217 13.53 33.00 -2.45
C VAL B 217 14.82 32.84 -1.64
N ASP B 218 15.68 33.86 -1.68
CA ASP B 218 16.87 33.91 -0.84
C ASP B 218 16.82 35.13 0.06
N LYS B 219 17.22 34.95 1.32
CA LYS B 219 17.30 36.05 2.27
C LYS B 219 18.61 35.97 3.03
N ARG B 220 19.13 37.15 3.38
CA ARG B 220 20.36 37.24 4.15
C ARG B 220 20.05 37.28 5.63
N VAL B 221 20.99 36.79 6.45
CA VAL B 221 20.89 36.93 7.89
C VAL B 221 22.05 37.80 8.35
N GLU B 222 21.73 39.02 8.78
CA GLU B 222 22.73 39.99 9.19
C GLU B 222 22.57 40.26 10.67
N PRO B 223 23.61 40.06 11.48
CA PRO B 223 23.45 40.25 12.93
C PRO B 223 23.25 41.71 13.30
N LYS B 224 22.39 41.94 14.30
CA LYS B 224 22.24 43.25 14.92
C LYS B 224 21.40 43.14 16.19
N THR C 15 -34.12 -48.08 -33.31
CA THR C 15 -34.46 -46.98 -34.20
C THR C 15 -35.32 -45.93 -33.48
N ASN C 16 -34.83 -45.50 -32.33
CA ASN C 16 -35.35 -44.33 -31.65
C ASN C 16 -34.40 -43.15 -31.89
N LEU C 17 -34.94 -41.95 -31.82
CA LEU C 17 -34.17 -40.76 -32.18
C LEU C 17 -33.39 -40.25 -30.97
N CYS C 18 -32.18 -39.73 -31.24
CA CYS C 18 -31.30 -39.30 -30.16
C CYS C 18 -31.87 -38.10 -29.40
N PRO C 19 -31.68 -38.06 -28.10
CA PRO C 19 -32.34 -37.05 -27.27
C PRO C 19 -31.57 -35.74 -27.22
N PHE C 20 -31.32 -35.14 -28.39
CA PHE C 20 -30.58 -33.87 -28.42
C PHE C 20 -31.35 -32.76 -27.74
N GLY C 21 -32.68 -32.82 -27.75
CA GLY C 21 -33.40 -31.78 -27.06
C GLY C 21 -33.06 -31.74 -25.58
N GLU C 22 -32.80 -32.92 -24.98
CA GLU C 22 -32.32 -32.94 -23.60
C GLU C 22 -31.02 -32.17 -23.40
N VAL C 23 -30.13 -32.15 -24.39
CA VAL C 23 -28.84 -31.49 -24.18
C VAL C 23 -28.89 -30.03 -24.64
N PHE C 24 -29.32 -29.77 -25.88
CA PHE C 24 -29.25 -28.42 -26.42
C PHE C 24 -30.32 -27.52 -25.78
N ASN C 25 -31.49 -28.08 -25.51
CA ASN C 25 -32.63 -27.32 -24.98
C ASN C 25 -32.82 -27.60 -23.50
N ALA C 26 -31.77 -28.01 -22.81
CA ALA C 26 -31.84 -28.22 -21.37
C ALA C 26 -32.07 -26.88 -20.69
N THR C 27 -32.94 -26.87 -19.70
CA THR C 27 -33.26 -25.62 -19.03
C THR C 27 -32.04 -25.03 -18.33
N ARG C 28 -31.28 -25.85 -17.62
CA ARG C 28 -30.08 -25.43 -16.90
C ARG C 28 -28.82 -26.03 -17.51
N PHE C 29 -27.74 -25.24 -17.58
CA PHE C 29 -26.43 -25.69 -18.04
C PHE C 29 -25.41 -25.65 -16.90
N ALA C 30 -24.39 -26.50 -17.01
CA ALA C 30 -23.34 -26.60 -15.99
C ALA C 30 -22.34 -25.44 -16.06
N SER C 31 -21.73 -25.15 -14.90
CA SER C 31 -20.46 -24.43 -14.86
C SER C 31 -19.34 -25.23 -15.50
N VAL C 32 -18.38 -24.52 -16.08
CA VAL C 32 -17.32 -25.17 -16.85
C VAL C 32 -16.42 -26.05 -16.00
N TYR C 33 -16.17 -25.68 -14.73
CA TYR C 33 -15.30 -26.53 -13.95
C TYR C 33 -15.97 -27.87 -13.68
N ALA C 34 -17.29 -27.85 -13.60
CA ALA C 34 -18.11 -29.03 -13.35
C ALA C 34 -18.90 -29.38 -14.60
N TRP C 35 -18.28 -29.30 -15.78
CA TRP C 35 -19.08 -29.38 -16.99
C TRP C 35 -19.88 -30.67 -17.01
N ASN C 36 -21.12 -30.56 -17.50
CA ASN C 36 -21.95 -31.75 -17.46
C ASN C 36 -21.80 -32.48 -18.78
N ARG C 37 -21.74 -33.79 -18.73
CA ARG C 37 -21.75 -34.58 -19.95
C ARG C 37 -22.78 -35.71 -19.94
N LYS C 38 -23.55 -35.82 -21.00
CA LYS C 38 -24.50 -36.91 -21.14
C LYS C 38 -24.01 -37.85 -22.23
N ARG C 39 -23.98 -39.15 -21.90
CA ARG C 39 -23.60 -40.14 -22.90
C ARG C 39 -24.86 -40.55 -23.63
N ILE C 40 -24.78 -40.49 -24.95
CA ILE C 40 -25.89 -40.80 -25.85
C ILE C 40 -25.49 -41.95 -26.77
N SER C 41 -26.35 -42.96 -26.79
CA SER C 41 -26.11 -44.22 -27.46
C SER C 41 -27.45 -44.84 -27.85
N ASN C 42 -27.36 -45.81 -28.75
CA ASN C 42 -28.50 -46.61 -29.22
C ASN C 42 -29.65 -45.73 -29.72
N CYS C 43 -29.31 -44.88 -30.70
CA CYS C 43 -30.25 -43.96 -31.32
C CYS C 43 -29.68 -43.56 -32.68
N VAL C 44 -30.52 -42.95 -33.52
CA VAL C 44 -30.12 -42.43 -34.83
C VAL C 44 -29.97 -40.91 -34.77
N ALA C 45 -28.83 -40.40 -35.24
CA ALA C 45 -28.51 -38.97 -35.22
C ALA C 45 -28.47 -38.40 -36.63
N ASP C 46 -29.16 -37.28 -36.84
CA ASP C 46 -29.08 -36.50 -38.08
C ASP C 46 -28.33 -35.21 -37.78
N TYR C 47 -27.05 -35.18 -38.14
CA TYR C 47 -26.21 -34.04 -37.81
C TYR C 47 -26.37 -32.85 -38.74
N SER C 48 -26.86 -33.05 -39.97
CA SER C 48 -27.01 -31.92 -40.90
C SER C 48 -28.04 -30.89 -40.45
N VAL C 49 -29.07 -31.30 -39.72
CA VAL C 49 -30.04 -30.34 -39.21
C VAL C 49 -29.38 -29.37 -38.25
N LEU C 50 -28.35 -29.83 -37.54
CA LEU C 50 -27.64 -28.95 -36.63
C LEU C 50 -26.78 -27.97 -37.42
N TYR C 51 -25.99 -28.48 -38.38
CA TYR C 51 -25.11 -27.59 -39.12
C TYR C 51 -25.91 -26.51 -39.83
N ASN C 52 -27.11 -26.84 -40.34
CA ASN C 52 -27.97 -25.80 -40.90
C ASN C 52 -28.95 -25.21 -39.88
N SER C 53 -28.69 -25.35 -38.57
CA SER C 53 -29.60 -24.71 -37.62
C SER C 53 -29.56 -23.19 -37.72
N ALA C 54 -28.42 -22.61 -38.09
CA ALA C 54 -28.27 -21.15 -38.16
C ALA C 54 -28.40 -20.45 -36.82
N SER C 55 -28.77 -21.19 -35.78
CA SER C 55 -28.88 -20.67 -34.42
C SER C 55 -27.55 -20.68 -33.69
N PHE C 56 -26.54 -21.32 -34.26
CA PHE C 56 -25.24 -21.50 -33.63
C PHE C 56 -24.21 -20.54 -34.21
N SER C 57 -23.55 -19.78 -33.32
CA SER C 57 -22.48 -18.91 -33.76
C SER C 57 -21.15 -19.63 -33.93
N THR C 58 -20.94 -20.77 -33.26
CA THR C 58 -19.79 -21.62 -33.50
C THR C 58 -20.24 -23.02 -33.85
N PHE C 59 -19.71 -23.57 -34.96
CA PHE C 59 -19.94 -24.99 -35.27
C PHE C 59 -18.72 -25.49 -36.05
N LYS C 60 -17.71 -25.93 -35.31
CA LYS C 60 -16.42 -26.30 -35.90
C LYS C 60 -16.14 -27.77 -35.60
N CYS C 61 -15.82 -28.54 -36.63
CA CYS C 61 -15.55 -29.96 -36.45
C CYS C 61 -14.09 -30.26 -36.77
N TYR C 62 -13.54 -31.23 -36.07
CA TYR C 62 -12.14 -31.58 -36.17
C TYR C 62 -11.98 -33.06 -36.44
N GLY C 63 -11.19 -33.38 -37.46
CA GLY C 63 -10.94 -34.74 -37.87
C GLY C 63 -11.97 -35.36 -38.79
N VAL C 64 -13.25 -35.12 -38.53
CA VAL C 64 -14.30 -35.67 -39.36
C VAL C 64 -15.07 -34.57 -40.07
N SER C 65 -15.86 -35.02 -41.23
CA SER C 65 -16.50 -33.79 -41.66
C SER C 65 -17.93 -33.72 -41.15
N PRO C 66 -18.44 -32.53 -40.86
CA PRO C 66 -19.80 -32.34 -40.34
C PRO C 66 -20.98 -32.90 -41.14
N THR C 67 -21.16 -32.44 -42.38
CA THR C 67 -22.09 -33.12 -43.29
C THR C 67 -21.61 -34.51 -43.70
N LYS C 68 -20.31 -34.70 -43.97
CA LYS C 68 -19.92 -36.01 -44.48
C LYS C 68 -20.14 -37.12 -43.47
N LEU C 69 -20.03 -36.86 -42.16
CA LEU C 69 -20.19 -38.04 -41.33
C LEU C 69 -21.64 -38.42 -41.04
N ASN C 70 -22.63 -37.94 -41.78
CA ASN C 70 -23.96 -38.32 -41.34
C ASN C 70 -24.29 -39.73 -41.81
N ASP C 71 -23.36 -40.34 -42.54
CA ASP C 71 -23.37 -41.70 -43.08
C ASP C 71 -22.56 -42.65 -42.22
N LEU C 72 -22.16 -42.21 -41.03
CA LEU C 72 -21.23 -42.91 -40.16
C LEU C 72 -21.92 -43.47 -38.92
N CYS C 73 -21.25 -44.45 -38.33
CA CYS C 73 -21.71 -45.11 -37.11
C CYS C 73 -20.60 -45.19 -36.07
N PHE C 74 -21.01 -45.18 -34.80
CA PHE C 74 -20.10 -45.19 -33.68
C PHE C 74 -20.70 -46.03 -32.57
N THR C 75 -19.84 -46.55 -31.67
CA THR C 75 -20.39 -47.29 -30.53
C THR C 75 -21.07 -46.37 -29.52
N ASN C 76 -20.49 -45.21 -29.22
CA ASN C 76 -21.11 -44.24 -28.32
C ASN C 76 -20.68 -42.85 -28.75
N VAL C 77 -21.58 -41.88 -28.64
CA VAL C 77 -21.22 -40.46 -28.75
C VAL C 77 -21.46 -39.84 -27.39
N TYR C 78 -20.53 -38.99 -26.95
CA TYR C 78 -20.67 -38.21 -25.73
C TYR C 78 -20.95 -36.76 -26.06
N ALA C 79 -21.82 -36.12 -25.26
CA ALA C 79 -22.13 -34.71 -25.41
C ALA C 79 -21.81 -33.99 -24.11
N ASP C 80 -20.74 -33.22 -24.12
CA ASP C 80 -20.31 -32.42 -23.00
C ASP C 80 -20.87 -31.02 -23.19
N SER C 81 -21.27 -30.36 -22.11
CA SER C 81 -21.90 -29.05 -22.24
C SER C 81 -21.61 -28.18 -21.01
N PHE C 82 -21.63 -26.86 -21.23
CA PHE C 82 -21.19 -25.89 -20.24
C PHE C 82 -21.37 -24.47 -20.81
N VAL C 83 -21.19 -23.45 -19.96
CA VAL C 83 -21.26 -22.04 -20.35
C VAL C 83 -19.92 -21.37 -20.06
N ILE C 84 -19.45 -20.56 -21.02
CA ILE C 84 -18.26 -19.72 -20.87
C ILE C 84 -18.54 -18.36 -21.52
N ARG C 85 -17.59 -17.43 -21.42
CA ARG C 85 -17.82 -16.17 -22.14
C ARG C 85 -17.34 -16.30 -23.57
N GLY C 86 -17.84 -15.41 -24.44
CA GLY C 86 -17.55 -15.51 -25.86
C GLY C 86 -16.06 -15.47 -26.19
N ASP C 87 -15.31 -14.64 -25.47
CA ASP C 87 -13.87 -14.56 -25.74
C ASP C 87 -13.14 -15.86 -25.48
N GLU C 88 -13.76 -16.79 -24.76
CA GLU C 88 -13.10 -18.04 -24.44
C GLU C 88 -13.55 -19.20 -25.33
N VAL C 89 -14.55 -19.00 -26.19
CA VAL C 89 -14.99 -20.16 -26.99
C VAL C 89 -13.87 -20.69 -27.86
N ARG C 90 -12.96 -19.82 -28.29
CA ARG C 90 -11.86 -20.28 -29.13
C ARG C 90 -10.95 -21.27 -28.42
N GLN C 91 -10.96 -21.31 -27.08
CA GLN C 91 -10.12 -22.27 -26.37
C GLN C 91 -10.70 -23.67 -26.39
N ILE C 92 -11.96 -23.79 -26.75
CA ILE C 92 -12.54 -25.12 -26.80
C ILE C 92 -12.26 -25.63 -28.21
N ALA C 93 -11.00 -25.97 -28.43
CA ALA C 93 -10.48 -26.46 -29.69
C ALA C 93 -9.16 -27.13 -29.37
N PRO C 94 -8.72 -28.10 -30.16
CA PRO C 94 -7.42 -28.72 -29.89
C PRO C 94 -6.29 -27.71 -29.96
N GLY C 95 -5.31 -27.90 -29.06
CA GLY C 95 -4.08 -27.14 -29.12
C GLY C 95 -4.12 -25.72 -28.61
N GLN C 96 -5.20 -25.32 -27.95
CA GLN C 96 -5.35 -23.96 -27.47
C GLN C 96 -4.90 -23.87 -26.01
N THR C 97 -4.62 -22.65 -25.57
CA THR C 97 -4.28 -22.41 -24.17
C THR C 97 -5.11 -21.25 -23.62
N GLY C 98 -5.12 -21.14 -22.30
CA GLY C 98 -5.87 -20.11 -21.60
C GLY C 98 -6.48 -20.67 -20.32
N LYS C 99 -7.15 -19.87 -19.49
CA LYS C 99 -7.69 -20.40 -18.25
C LYS C 99 -8.66 -21.55 -18.47
N ILE C 100 -9.42 -21.53 -19.55
CA ILE C 100 -10.41 -22.59 -19.74
C ILE C 100 -9.74 -23.87 -20.22
N ALA C 101 -8.96 -23.79 -21.31
CA ALA C 101 -8.30 -24.99 -21.82
C ALA C 101 -7.32 -25.55 -20.79
N ASP C 102 -6.62 -24.69 -20.04
CA ASP C 102 -5.63 -25.22 -19.12
C ASP C 102 -6.27 -25.81 -17.87
N TYR C 103 -7.26 -25.15 -17.29
CA TYR C 103 -7.75 -25.50 -15.95
C TYR C 103 -9.20 -25.97 -15.89
N ASN C 104 -9.93 -25.99 -17.00
CA ASN C 104 -11.35 -26.30 -16.89
C ASN C 104 -11.81 -27.40 -17.84
N TYR C 105 -11.54 -27.29 -19.14
CA TYR C 105 -12.01 -28.31 -20.09
C TYR C 105 -11.03 -28.35 -21.27
N LYS C 106 -10.36 -29.47 -21.48
CA LYS C 106 -9.26 -29.50 -22.44
C LYS C 106 -9.57 -30.56 -23.50
N LEU C 107 -9.64 -30.16 -24.75
CA LEU C 107 -9.77 -31.13 -25.81
C LEU C 107 -8.38 -31.66 -26.19
N PRO C 108 -8.31 -32.93 -26.59
CA PRO C 108 -7.03 -33.53 -26.98
C PRO C 108 -6.56 -33.11 -28.36
N ASP C 109 -5.25 -33.28 -28.56
CA ASP C 109 -4.65 -33.00 -29.86
C ASP C 109 -5.30 -33.85 -30.96
N ASP C 110 -5.55 -35.14 -30.64
CA ASP C 110 -6.12 -36.10 -31.59
C ASP C 110 -7.65 -36.14 -31.54
N PHE C 111 -8.25 -35.01 -31.22
CA PHE C 111 -9.70 -34.89 -31.08
C PHE C 111 -10.38 -35.22 -32.39
N THR C 112 -11.39 -36.07 -32.32
CA THR C 112 -12.30 -36.28 -33.45
C THR C 112 -13.68 -35.89 -32.92
N GLY C 113 -14.25 -34.81 -33.44
CA GLY C 113 -15.53 -34.39 -32.91
C GLY C 113 -15.94 -33.01 -33.37
N CYS C 114 -16.92 -32.44 -32.67
CA CYS C 114 -17.42 -31.11 -33.00
C CYS C 114 -17.68 -30.23 -31.78
N VAL C 115 -17.41 -28.94 -31.94
CA VAL C 115 -17.64 -27.90 -30.94
C VAL C 115 -18.73 -26.99 -31.46
N ILE C 116 -19.79 -26.81 -30.67
CA ILE C 116 -20.98 -26.07 -31.06
C ILE C 116 -21.26 -25.04 -29.98
N ALA C 117 -21.55 -23.80 -30.37
CA ALA C 117 -21.78 -22.76 -29.38
C ALA C 117 -22.80 -21.75 -29.89
N TRP C 118 -23.46 -21.09 -28.93
CA TRP C 118 -24.46 -20.07 -29.21
C TRP C 118 -24.59 -19.11 -28.03
N ASN C 119 -24.95 -17.87 -28.33
CA ASN C 119 -25.14 -16.84 -27.31
C ASN C 119 -26.32 -17.16 -26.39
N SER C 120 -26.11 -17.03 -25.07
CA SER C 120 -27.16 -17.28 -24.10
C SER C 120 -27.39 -16.09 -23.17
N ASN C 121 -27.15 -14.87 -23.64
CA ASN C 121 -27.35 -13.70 -22.79
C ASN C 121 -28.78 -13.63 -22.25
N ASN C 122 -29.76 -14.02 -23.07
CA ASN C 122 -31.15 -13.89 -22.67
C ASN C 122 -31.60 -14.92 -21.64
N LEU C 123 -30.81 -15.96 -21.35
CA LEU C 123 -31.19 -16.96 -20.36
C LEU C 123 -30.30 -16.96 -19.14
N ASP C 124 -29.03 -16.61 -19.30
CA ASP C 124 -28.01 -16.81 -18.28
C ASP C 124 -27.48 -15.49 -17.72
N SER C 125 -27.88 -14.37 -18.30
CA SER C 125 -27.56 -13.09 -17.70
C SER C 125 -28.75 -12.63 -16.85
N LYS C 126 -28.45 -11.81 -15.86
CA LYS C 126 -29.45 -11.21 -14.99
C LYS C 126 -29.01 -9.79 -14.69
N VAL C 127 -29.99 -8.89 -14.55
CA VAL C 127 -29.68 -7.54 -14.09
C VAL C 127 -28.99 -7.64 -12.73
N GLY C 128 -27.88 -6.91 -12.58
CA GLY C 128 -27.05 -7.03 -11.42
C GLY C 128 -26.07 -8.19 -11.44
N GLY C 129 -26.18 -9.07 -12.44
CA GLY C 129 -25.20 -10.13 -12.57
C GLY C 129 -25.69 -11.49 -12.10
N ASN C 130 -25.54 -12.50 -12.95
CA ASN C 130 -25.75 -13.88 -12.53
C ASN C 130 -24.39 -14.43 -12.10
N TYR C 131 -24.26 -14.74 -10.82
CA TYR C 131 -23.00 -15.21 -10.29
C TYR C 131 -22.96 -16.72 -10.04
N ASN C 132 -23.95 -17.48 -10.49
CA ASN C 132 -23.93 -18.92 -10.24
C ASN C 132 -22.90 -19.63 -11.13
N TYR C 133 -22.54 -19.05 -12.29
CA TYR C 133 -21.63 -19.72 -13.20
C TYR C 133 -20.19 -19.37 -12.82
N LEU C 134 -19.40 -20.41 -12.57
CA LEU C 134 -18.03 -20.31 -12.12
C LEU C 134 -17.05 -20.93 -13.12
N TYR C 135 -15.78 -20.54 -13.00
CA TYR C 135 -14.68 -21.22 -13.68
C TYR C 135 -13.52 -21.35 -12.69
N ARG C 136 -12.65 -22.33 -12.95
CA ARG C 136 -11.47 -22.51 -12.11
C ARG C 136 -10.35 -21.56 -12.51
N LEU C 137 -9.91 -20.73 -11.55
CA LEU C 137 -8.84 -19.78 -11.82
C LEU C 137 -7.48 -20.28 -11.36
N PHE C 138 -7.42 -21.02 -10.23
CA PHE C 138 -6.19 -21.54 -9.65
C PHE C 138 -6.15 -23.08 -9.62
N ARG C 139 -5.07 -23.66 -10.14
CA ARG C 139 -4.81 -25.10 -10.10
C ARG C 139 -3.32 -25.34 -10.31
N LYS C 140 -2.75 -26.31 -9.60
CA LYS C 140 -1.30 -26.47 -9.65
C LYS C 140 -0.81 -27.00 -10.99
N SER C 141 -1.62 -27.81 -11.69
CA SER C 141 -1.23 -28.38 -12.98
C SER C 141 -2.36 -28.27 -14.00
N ASN C 142 -2.00 -28.23 -15.29
CA ASN C 142 -3.02 -28.21 -16.32
C ASN C 142 -3.76 -29.54 -16.38
N LEU C 143 -5.04 -29.47 -16.79
CA LEU C 143 -5.79 -30.67 -17.03
C LEU C 143 -5.26 -31.38 -18.26
N LYS C 144 -5.34 -32.71 -18.20
CA LYS C 144 -5.22 -33.65 -19.31
C LYS C 144 -6.51 -33.60 -20.11
N PRO C 145 -6.50 -34.09 -21.36
CA PRO C 145 -7.75 -34.08 -22.14
C PRO C 145 -8.91 -34.84 -21.49
N PHE C 146 -10.09 -34.20 -21.52
CA PHE C 146 -11.36 -34.74 -21.00
C PHE C 146 -11.36 -35.03 -19.50
N GLU C 147 -10.53 -34.37 -18.73
CA GLU C 147 -10.62 -34.46 -17.28
C GLU C 147 -11.53 -33.38 -16.72
N ARG C 148 -12.18 -33.69 -15.60
CA ARG C 148 -13.11 -32.79 -14.93
C ARG C 148 -12.74 -32.68 -13.45
N ASP C 149 -12.30 -31.50 -13.02
CA ASP C 149 -11.87 -31.23 -11.64
C ASP C 149 -12.95 -30.40 -10.97
N ILE C 150 -13.59 -30.97 -9.95
CA ILE C 150 -14.65 -30.32 -9.20
C ILE C 150 -14.21 -29.97 -7.78
N SER C 151 -12.91 -30.08 -7.49
CA SER C 151 -12.35 -29.76 -6.18
C SER C 151 -12.57 -28.30 -5.83
N THR C 152 -12.79 -28.05 -4.54
CA THR C 152 -12.82 -26.67 -4.06
C THR C 152 -11.78 -26.43 -2.99
N GLU C 153 -10.70 -27.23 -2.98
CA GLU C 153 -9.64 -27.00 -2.01
C GLU C 153 -8.97 -25.66 -2.24
N ILE C 154 -8.65 -24.98 -1.14
CA ILE C 154 -7.97 -23.70 -1.20
C ILE C 154 -6.56 -23.85 -1.77
N TYR C 155 -6.21 -22.93 -2.66
CA TYR C 155 -4.96 -23.00 -3.42
C TYR C 155 -3.82 -22.40 -2.61
N GLN C 156 -2.76 -23.19 -2.41
CA GLN C 156 -1.64 -22.78 -1.57
C GLN C 156 -0.59 -22.13 -2.43
N ALA C 157 -0.49 -20.81 -2.38
CA ALA C 157 0.45 -20.12 -3.24
C ALA C 157 1.75 -19.83 -2.50
N GLY C 158 1.83 -20.22 -1.23
CA GLY C 158 3.04 -20.09 -0.44
C GLY C 158 3.27 -21.34 0.37
N SER C 159 4.36 -21.31 1.15
CA SER C 159 4.79 -22.48 1.91
C SER C 159 3.87 -22.80 3.08
N THR C 160 2.90 -22.02 3.33
CA THR C 160 2.17 -22.27 4.57
C THR C 160 0.89 -23.04 4.26
N PRO C 161 0.59 -24.16 4.94
CA PRO C 161 -0.66 -24.86 4.63
C PRO C 161 -1.90 -24.03 4.93
N CYS C 162 -2.94 -24.22 4.12
CA CYS C 162 -4.13 -23.41 4.31
C CYS C 162 -5.14 -23.99 5.30
N ASN C 163 -5.21 -25.30 5.46
CA ASN C 163 -6.10 -25.93 6.45
C ASN C 163 -7.55 -25.43 6.30
N GLY C 164 -7.97 -25.23 5.07
CA GLY C 164 -9.33 -24.84 4.78
C GLY C 164 -9.74 -23.41 5.09
N VAL C 165 -8.81 -22.50 5.41
CA VAL C 165 -9.17 -21.11 5.73
C VAL C 165 -8.59 -20.23 4.61
N GLU C 166 -9.45 -19.46 3.97
CA GLU C 166 -9.01 -18.51 2.96
C GLU C 166 -8.26 -17.33 3.59
N GLY C 167 -7.28 -16.81 2.85
CA GLY C 167 -6.52 -15.68 3.33
C GLY C 167 -5.31 -15.44 2.45
N PHE C 168 -4.29 -14.80 3.02
CA PHE C 168 -3.05 -14.53 2.31
C PHE C 168 -2.41 -15.82 1.81
N ASN C 169 -2.13 -15.87 0.50
CA ASN C 169 -1.54 -17.04 -0.15
C ASN C 169 -2.45 -18.25 -0.09
N CYS C 170 -3.72 -18.03 0.19
CA CYS C 170 -4.69 -19.10 0.42
C CYS C 170 -5.99 -18.67 -0.27
N TYR C 171 -6.15 -19.07 -1.53
CA TYR C 171 -7.18 -18.48 -2.38
C TYR C 171 -8.18 -19.58 -2.71
N PHE C 172 -9.46 -19.26 -2.60
CA PHE C 172 -10.50 -20.14 -3.12
C PHE C 172 -10.37 -20.31 -4.63
N PRO C 173 -10.37 -21.53 -5.15
CA PRO C 173 -9.92 -21.78 -6.52
C PRO C 173 -10.91 -21.39 -7.61
N LEU C 174 -12.21 -21.26 -7.31
CA LEU C 174 -13.20 -20.94 -8.34
C LEU C 174 -13.59 -19.46 -8.28
N GLN C 175 -13.85 -18.87 -9.45
CA GLN C 175 -14.28 -17.50 -9.53
C GLN C 175 -15.54 -17.42 -10.40
N SER C 176 -16.43 -16.46 -10.10
CA SER C 176 -17.65 -16.27 -10.88
C SER C 176 -17.44 -15.35 -12.08
N TYR C 177 -18.15 -15.68 -13.18
CA TYR C 177 -18.19 -14.82 -14.37
C TYR C 177 -18.96 -13.53 -14.14
N GLY C 178 -20.04 -13.57 -13.37
CA GLY C 178 -20.83 -12.36 -13.15
C GLY C 178 -21.49 -11.71 -14.36
N PHE C 179 -22.04 -12.52 -15.25
CA PHE C 179 -22.65 -12.03 -16.49
C PHE C 179 -23.71 -10.96 -16.22
N GLN C 180 -23.57 -9.80 -16.89
CA GLN C 180 -24.59 -8.76 -16.88
C GLN C 180 -25.06 -8.51 -18.31
N PRO C 181 -26.36 -8.24 -18.51
CA PRO C 181 -26.86 -8.15 -19.90
C PRO C 181 -26.26 -7.03 -20.73
N THR C 182 -25.72 -5.98 -20.12
CA THR C 182 -25.12 -4.89 -20.88
C THR C 182 -23.66 -5.14 -21.25
N ASN C 183 -23.10 -6.29 -20.87
CA ASN C 183 -21.75 -6.66 -21.26
C ASN C 183 -21.57 -6.65 -22.78
N GLY C 184 -20.36 -6.27 -23.21
CA GLY C 184 -19.97 -6.51 -24.58
C GLY C 184 -19.96 -7.99 -24.94
N VAL C 185 -20.07 -8.24 -26.25
CA VAL C 185 -20.31 -9.61 -26.72
C VAL C 185 -19.24 -10.57 -26.22
N GLY C 186 -17.99 -10.12 -26.14
CA GLY C 186 -16.98 -11.02 -25.65
C GLY C 186 -17.13 -11.35 -24.18
N TYR C 187 -17.83 -10.52 -23.42
CA TYR C 187 -18.07 -10.84 -22.03
C TYR C 187 -19.44 -11.46 -21.74
N GLN C 188 -20.32 -11.61 -22.73
CA GLN C 188 -21.63 -12.20 -22.46
C GLN C 188 -21.50 -13.72 -22.48
N PRO C 189 -22.40 -14.45 -21.82
CA PRO C 189 -22.28 -15.91 -21.81
C PRO C 189 -22.66 -16.58 -23.13
N TYR C 190 -21.92 -17.63 -23.47
CA TYR C 190 -22.16 -18.52 -24.60
C TYR C 190 -22.27 -19.94 -24.04
N ARG C 191 -23.30 -20.65 -24.50
CA ARG C 191 -23.48 -22.07 -24.23
C ARG C 191 -22.75 -22.91 -25.26
N VAL C 192 -22.09 -23.98 -24.80
CA VAL C 192 -21.22 -24.83 -25.60
C VAL C 192 -21.59 -26.30 -25.42
N VAL C 193 -21.65 -27.02 -26.55
CA VAL C 193 -21.79 -28.48 -26.60
C VAL C 193 -20.63 -29.06 -27.42
N VAL C 194 -19.91 -30.00 -26.83
CA VAL C 194 -18.83 -30.74 -27.48
C VAL C 194 -19.31 -32.17 -27.71
N LEU C 195 -19.39 -32.56 -28.97
CA LEU C 195 -19.71 -33.93 -29.32
C LEU C 195 -18.43 -34.70 -29.61
N SER C 196 -18.22 -35.77 -28.86
CA SER C 196 -17.12 -36.69 -29.01
C SER C 196 -17.63 -38.00 -29.59
N PHE C 197 -16.90 -38.54 -30.58
CA PHE C 197 -17.27 -39.74 -31.31
C PHE C 197 -16.36 -40.90 -30.91
N GLU C 198 -16.94 -41.91 -30.25
CA GLU C 198 -16.23 -43.06 -29.72
C GLU C 198 -16.54 -44.26 -30.59
N LEU C 199 -15.50 -45.04 -30.88
CA LEU C 199 -15.63 -46.33 -31.54
C LEU C 199 -14.70 -47.34 -30.90
N LEU C 200 -15.30 -48.41 -30.38
CA LEU C 200 -14.60 -49.52 -29.74
C LEU C 200 -15.39 -50.81 -29.93
N HIS C 201 -14.74 -51.86 -30.46
CA HIS C 201 -15.26 -53.23 -30.50
C HIS C 201 -16.56 -53.36 -31.29
N ALA C 202 -16.99 -52.24 -31.87
CA ALA C 202 -18.03 -52.00 -32.86
C ALA C 202 -19.47 -52.46 -32.60
N PRO C 203 -20.04 -52.39 -31.39
CA PRO C 203 -21.47 -52.74 -31.27
C PRO C 203 -22.32 -51.85 -32.15
N ALA C 204 -21.79 -50.69 -32.57
CA ALA C 204 -22.48 -49.75 -33.45
C ALA C 204 -23.89 -49.41 -32.97
N THR C 205 -24.00 -48.51 -32.00
CA THR C 205 -25.28 -48.18 -31.40
C THR C 205 -25.80 -46.81 -31.87
N VAL C 206 -24.95 -45.87 -32.28
CA VAL C 206 -25.43 -44.55 -32.68
C VAL C 206 -24.99 -44.37 -34.14
N CYS C 207 -25.97 -44.24 -35.02
CA CYS C 207 -25.76 -44.20 -36.46
C CYS C 207 -26.51 -43.03 -37.09
N GLY C 208 -26.09 -42.67 -38.30
CA GLY C 208 -26.82 -41.71 -39.08
C GLY C 208 -28.10 -42.31 -39.66
N PRO C 209 -28.88 -41.47 -40.39
CA PRO C 209 -30.18 -41.87 -40.92
C PRO C 209 -30.12 -43.04 -41.93
C1 NAG D . -35.19 -26.86 -29.26
C2 NAG D . -35.41 -27.88 -30.38
C3 NAG D . -35.50 -27.17 -31.73
C4 NAG D . -36.60 -26.10 -31.70
C5 NAG D . -36.49 -25.19 -30.47
C6 NAG D . -37.69 -24.30 -30.26
C7 NAG D . -33.12 -28.93 -30.60
C8 NAG D . -32.48 -27.57 -30.83
N2 NAG D . -34.44 -28.98 -30.39
O3 NAG D . -35.75 -28.14 -32.75
O4 NAG D . -36.43 -25.28 -32.86
O5 NAG D . -36.30 -25.94 -29.25
O6 NAG D . -38.76 -24.92 -29.55
O7 NAG D . -32.44 -29.95 -30.59
C1 NAG D . -37.31 -25.33 -34.03
C2 NAG D . -38.44 -26.41 -34.03
C3 NAG D . -39.38 -26.21 -35.23
C4 NAG D . -39.90 -24.77 -35.27
C5 NAG D . -38.73 -23.80 -35.30
C6 NAG D . -39.15 -22.35 -35.31
C7 NAG D . -38.57 -28.86 -33.76
C8 NAG D . -37.84 -30.16 -33.86
N2 NAG D . -37.87 -27.76 -34.07
O3 NAG D . -40.47 -27.12 -35.16
O4 NAG D . -40.71 -24.59 -36.43
O5 NAG D . -37.92 -23.99 -34.13
O6 NAG D . -39.93 -22.02 -36.44
O7 NAG D . -39.75 -28.80 -33.42
#